data_6D6K
#
_entry.id   6D6K
#
_cell.length_a   93.690
_cell.length_b   93.690
_cell.length_c   266.610
_cell.angle_alpha   90.000
_cell.angle_beta   90.000
_cell.angle_gamma   120.000
#
_symmetry.space_group_name_H-M   'P 63'
#
loop_
_entity.id
_entity.type
_entity.pdbx_description
1 polymer 'Polyribonucleotide nucleotidyltransferase'
2 water water
#
_entity_poly.entity_id   1
_entity_poly.type   'polypeptide(L)'
_entity_poly.pdbx_seq_one_letter_code
;MAHHHHHHMSMFNIVRKEFQFGQHQVVLETGRVARQANTVLITMGGVTVLVAVVAAPTAKAGQDFFPLTVNYQEKQYAAG
RIPGGYGKREGRASEAETLISRLIDRPIRPLFPEGYYNEIQVTATVVSSDKTMEADIAAMLGTSAALAIAGTPFRGPIGA
ARVGLINGEYVLNPNFEQMAQSDLDLVVAGTESAVLMVESEAKELSEDQMLGAVLFGHDEMQIAIQAINEFAAAAGAKPS
DWVAPAHNEELRAKLKEAFEAKISEAYTIAVKQDRYAALDALHAEAVAQFVPEEDVDGIADEVDYLFEDLKYRTVRDNIL
SGKPRIDGRDTKTVRALDVQVGVLERAHGSALFTRGETQALVTTTLGNTRDALMVDTLAGTKTDNFMLHYNFPAYSVGET
GRESGPKRREIGHGRLARRGVQAVLPAADRFPYVIRIVSDITESNGSSSMASVCGASLSLMDAGVPLKAPVAGIAMGLVK
EGERFAVLSDILGDEDHLGDMDFKVAGSANGITALQMDIKIEGITEEIMEVALNQAFAGRMHILNEMNKVISRARPEISM
HAPTFEVITINPDKIRDVIGKGGATIRQITEETKAAIDIEDNGTVRVFGETKAAAKAAIAKIQAITAEVEPGKIYDGKVI
RIVEFGAFVNIMPGTDGLLHISQISNERIANVTDVLKEGQEVKVQVQDVDNRGRIKLTMKDIEQA
;
_entity_poly.pdbx_strand_id   A,B
#
# COMPACT_ATOMS: atom_id res chain seq x y z
N SER A 10 -5.06 -60.47 20.12
CA SER A 10 -5.33 -59.06 20.36
C SER A 10 -6.59 -58.82 21.17
N MET A 11 -6.51 -57.85 22.07
CA MET A 11 -7.68 -57.53 22.90
C MET A 11 -8.72 -56.71 22.14
N PHE A 12 -8.41 -56.26 20.93
CA PHE A 12 -9.33 -55.43 20.15
C PHE A 12 -10.00 -56.25 19.05
N ASN A 13 -11.24 -55.89 18.75
CA ASN A 13 -11.99 -56.42 17.60
C ASN A 13 -12.11 -55.28 16.60
N ILE A 14 -11.10 -55.14 15.75
CA ILE A 14 -10.96 -53.98 14.90
C ILE A 14 -11.75 -54.20 13.62
N VAL A 15 -12.56 -53.21 13.24
CA VAL A 15 -13.29 -53.25 11.97
C VAL A 15 -12.77 -52.09 11.12
N ARG A 16 -12.32 -52.43 9.91
CA ARG A 16 -11.71 -51.49 8.98
CA ARG A 16 -11.73 -51.46 9.00
C ARG A 16 -12.45 -51.50 7.65
N LYS A 17 -12.55 -50.32 7.05
CA LYS A 17 -13.17 -50.14 5.73
C LYS A 17 -12.30 -49.15 4.96
N GLU A 18 -11.71 -49.62 3.87
CA GLU A 18 -10.86 -48.80 3.01
C GLU A 18 -11.60 -48.51 1.71
N PHE A 19 -11.52 -47.26 1.25
CA PHE A 19 -12.05 -46.95 -0.07
C PHE A 19 -11.37 -45.71 -0.61
N GLN A 20 -11.45 -45.56 -1.93
CA GLN A 20 -10.89 -44.42 -2.63
C GLN A 20 -12.00 -43.41 -2.84
N PHE A 21 -11.78 -42.18 -2.38
CA PHE A 21 -12.75 -41.10 -2.46
C PHE A 21 -12.13 -40.02 -3.34
N GLY A 22 -12.43 -40.07 -4.63
CA GLY A 22 -11.80 -39.13 -5.54
C GLY A 22 -10.30 -39.33 -5.50
N GLN A 23 -9.59 -38.27 -5.15
CA GLN A 23 -8.13 -38.30 -5.17
C GLN A 23 -7.52 -38.77 -3.86
N HIS A 24 -8.31 -39.06 -2.83
CA HIS A 24 -7.79 -39.40 -1.50
C HIS A 24 -8.19 -40.81 -1.10
N GLN A 25 -7.25 -41.54 -0.50
CA GLN A 25 -7.60 -42.79 0.18
C GLN A 25 -8.23 -42.48 1.53
N VAL A 26 -9.28 -43.21 1.86
CA VAL A 26 -10.04 -43.04 3.10
C VAL A 26 -10.06 -44.37 3.84
N VAL A 27 -9.78 -44.32 5.15
CA VAL A 27 -9.84 -45.50 6.01
C VAL A 27 -10.75 -45.20 7.19
N LEU A 28 -11.71 -46.09 7.43
CA LEU A 28 -12.62 -46.03 8.57
C LEU A 28 -12.30 -47.15 9.53
N GLU A 29 -12.02 -46.82 10.79
CA GLU A 29 -11.64 -47.81 11.80
C GLU A 29 -12.41 -47.59 13.09
N THR A 30 -12.85 -48.69 13.71
CA THR A 30 -13.44 -48.68 15.04
C THR A 30 -13.04 -49.96 15.74
N GLY A 31 -13.15 -49.96 17.08
CA GLY A 31 -12.86 -51.15 17.85
C GLY A 31 -11.52 -51.15 18.58
N ARG A 32 -10.63 -50.21 18.26
CA ARG A 32 -9.37 -50.10 18.98
C ARG A 32 -9.33 -48.91 19.92
N VAL A 33 -9.74 -47.73 19.46
CA VAL A 33 -9.63 -46.49 20.23
C VAL A 33 -11.02 -46.10 20.77
N ALA A 34 -11.08 -45.78 22.05
CA ALA A 34 -12.25 -45.17 22.68
C ALA A 34 -13.48 -46.08 22.55
N ARG A 35 -13.31 -47.31 23.03
CA ARG A 35 -14.34 -48.33 22.93
C ARG A 35 -15.55 -48.03 23.80
N GLN A 36 -15.43 -47.11 24.76
CA GLN A 36 -16.56 -46.83 25.63
C GLN A 36 -17.53 -45.81 25.04
N ALA A 37 -17.20 -45.22 23.89
CA ALA A 37 -18.13 -44.43 23.09
C ALA A 37 -18.35 -45.15 21.75
N ASN A 38 -19.04 -44.48 20.83
CA ASN A 38 -19.17 -44.95 19.45
C ASN A 38 -18.18 -44.12 18.64
N THR A 39 -17.02 -44.71 18.37
CA THR A 39 -15.84 -43.94 17.99
C THR A 39 -15.25 -44.48 16.71
N VAL A 40 -15.07 -43.58 15.73
CA VAL A 40 -14.46 -43.92 14.46
C VAL A 40 -13.21 -43.07 14.30
N LEU A 41 -12.09 -43.72 13.96
CA LEU A 41 -10.87 -43.04 13.57
C LEU A 41 -10.80 -43.08 12.05
N ILE A 42 -10.86 -41.91 11.40
CA ILE A 42 -10.87 -41.80 9.95
C ILE A 42 -9.59 -41.13 9.49
N THR A 43 -8.96 -41.71 8.46
CA THR A 43 -7.86 -41.07 7.75
C THR A 43 -8.31 -40.76 6.34
N MET A 44 -8.11 -39.51 5.91
CA MET A 44 -8.43 -39.06 4.56
C MET A 44 -7.24 -38.24 4.09
N GLY A 45 -6.52 -38.74 3.09
CA GLY A 45 -5.24 -38.13 2.71
C GLY A 45 -4.35 -37.89 3.92
N GLY A 46 -3.90 -36.65 4.09
CA GLY A 46 -2.96 -36.33 5.15
C GLY A 46 -3.61 -35.92 6.45
N VAL A 47 -4.89 -36.21 6.62
CA VAL A 47 -5.68 -35.78 7.77
C VAL A 47 -6.24 -37.01 8.50
N THR A 48 -6.13 -37.03 9.83
CA THR A 48 -6.70 -38.09 10.65
C THR A 48 -7.57 -37.43 11.72
N VAL A 49 -8.80 -37.92 11.87
CA VAL A 49 -9.76 -37.37 12.84
C VAL A 49 -10.32 -38.51 13.68
N LEU A 50 -10.47 -38.26 14.98
CA LEU A 50 -11.10 -39.18 15.92
C LEU A 50 -12.46 -38.62 16.29
N VAL A 51 -13.52 -39.32 15.92
CA VAL A 51 -14.88 -38.84 16.20
C VAL A 51 -15.55 -39.82 17.16
N ALA A 52 -15.83 -39.37 18.37
CA ALA A 52 -16.59 -40.12 19.37
C ALA A 52 -18.01 -39.57 19.47
N VAL A 53 -18.99 -40.46 19.41
CA VAL A 53 -20.39 -40.14 19.58
C VAL A 53 -20.89 -40.85 20.83
N VAL A 54 -21.58 -40.12 21.70
CA VAL A 54 -22.23 -40.69 22.86
C VAL A 54 -23.71 -40.41 22.75
N ALA A 55 -24.52 -41.45 22.85
CA ALA A 55 -25.97 -41.33 22.79
C ALA A 55 -26.54 -41.77 24.12
N ALA A 56 -27.22 -40.84 24.80
CA ALA A 56 -27.88 -41.19 26.05
C ALA A 56 -28.89 -42.32 25.80
N PRO A 57 -28.97 -43.31 26.69
CA PRO A 57 -29.87 -44.44 26.42
C PRO A 57 -31.34 -44.06 26.48
N THR A 58 -31.69 -43.01 27.20
CA THR A 58 -33.08 -42.59 27.32
C THR A 58 -33.16 -41.06 27.27
N ALA A 59 -34.38 -40.56 27.05
CA ALA A 59 -34.62 -39.14 27.13
C ALA A 59 -34.81 -38.71 28.58
N LYS A 60 -34.42 -37.47 28.87
CA LYS A 60 -34.58 -36.97 30.23
C LYS A 60 -36.06 -36.80 30.56
N ALA A 61 -36.35 -36.58 31.85
CA ALA A 61 -37.73 -36.61 32.32
C ALA A 61 -38.62 -35.64 31.56
N GLY A 62 -38.28 -34.35 31.60
CA GLY A 62 -39.12 -33.35 30.97
C GLY A 62 -38.52 -32.75 29.72
N GLN A 63 -37.65 -33.49 29.04
CA GLN A 63 -36.99 -32.98 27.85
C GLN A 63 -38.00 -32.81 26.72
N ASP A 64 -38.08 -31.59 26.17
CA ASP A 64 -39.02 -31.30 25.10
C ASP A 64 -38.35 -30.88 23.80
N PHE A 65 -37.02 -30.79 23.76
CA PHE A 65 -36.29 -30.54 22.54
C PHE A 65 -35.10 -31.50 22.46
N PHE A 66 -34.53 -31.61 21.26
CA PHE A 66 -33.47 -32.56 20.98
C PHE A 66 -32.12 -31.96 21.35
N PRO A 67 -31.49 -32.45 22.42
CA PRO A 67 -30.20 -31.90 22.86
C PRO A 67 -29.02 -32.54 22.14
N LEU A 68 -28.49 -31.81 21.16
CA LEU A 68 -27.39 -32.25 20.34
C LEU A 68 -26.29 -31.20 20.42
N THR A 69 -25.07 -31.64 20.71
CA THR A 69 -23.92 -30.75 20.73
C THR A 69 -22.79 -31.40 19.95
N VAL A 70 -22.12 -30.61 19.13
CA VAL A 70 -20.95 -31.04 18.37
C VAL A 70 -19.77 -30.16 18.76
N ASN A 71 -18.69 -30.78 19.20
CA ASN A 71 -17.48 -30.07 19.57
C ASN A 71 -16.33 -30.56 18.70
N TYR A 72 -15.81 -29.68 17.86
CA TYR A 72 -14.72 -29.97 16.93
C TYR A 72 -13.44 -29.29 17.38
N GLN A 73 -12.33 -30.01 17.35
CA GLN A 73 -11.07 -29.44 17.82
C GLN A 73 -9.94 -29.90 16.92
N GLU A 74 -9.00 -29.00 16.67
CA GLU A 74 -7.75 -29.30 16.00
C GLU A 74 -6.65 -29.25 17.04
N LYS A 75 -6.07 -30.40 17.38
CA LYS A 75 -4.95 -30.42 18.31
C LYS A 75 -3.71 -29.88 17.62
N GLN A 76 -2.98 -28.99 18.31
CA GLN A 76 -1.74 -28.48 17.73
C GLN A 76 -0.71 -29.59 17.52
N TYR A 77 -0.73 -30.62 18.36
CA TYR A 77 0.21 -31.71 18.18
C TYR A 77 -0.02 -32.49 16.89
N ALA A 78 -1.24 -32.40 16.30
CA ALA A 78 -1.53 -33.08 15.05
C ALA A 78 -0.54 -32.73 13.95
N ALA A 79 -0.03 -31.51 13.96
CA ALA A 79 0.96 -31.03 12.99
C ALA A 79 2.27 -30.67 13.67
N GLY A 80 2.58 -31.34 14.77
CA GLY A 80 3.85 -31.12 15.46
C GLY A 80 4.04 -29.73 16.00
N ARG A 81 2.96 -29.07 16.41
CA ARG A 81 3.03 -27.71 16.94
C ARG A 81 2.75 -27.71 18.43
N ILE A 82 3.38 -26.75 19.10
CA ILE A 82 3.09 -26.44 20.49
C ILE A 82 2.20 -25.20 20.53
N PRO A 83 1.06 -25.24 21.21
CA PRO A 83 0.12 -24.12 21.14
C PRO A 83 0.74 -22.85 21.70
N GLY A 84 0.32 -21.71 21.17
CA GLY A 84 0.97 -20.45 21.49
C GLY A 84 0.42 -19.62 22.64
N GLY A 85 1.26 -19.41 23.66
CA GLY A 85 1.10 -18.33 24.62
C GLY A 85 -0.20 -18.27 25.40
N TYR A 86 -0.76 -19.41 25.78
CA TYR A 86 -1.96 -19.46 26.63
C TYR A 86 -1.77 -20.53 27.71
N GLY A 87 -0.62 -20.48 28.38
CA GLY A 87 -0.18 -21.63 29.15
C GLY A 87 0.14 -22.82 28.27
N LYS A 88 0.30 -22.61 26.96
CA LYS A 88 0.57 -23.64 25.96
C LYS A 88 -0.57 -24.65 25.88
N ARG A 89 -1.79 -24.22 26.18
CA ARG A 89 -2.97 -25.06 26.09
C ARG A 89 -3.82 -24.64 24.89
N GLU A 90 -4.71 -25.56 24.48
CA GLU A 90 -5.57 -25.28 23.34
C GLU A 90 -6.54 -24.13 23.65
N GLY A 91 -7.05 -24.07 24.88
CA GLY A 91 -8.02 -23.05 25.19
C GLY A 91 -9.36 -23.37 24.55
N ARG A 92 -10.24 -22.38 24.59
CA ARG A 92 -11.58 -22.53 24.04
C ARG A 92 -11.52 -22.66 22.51
N ALA A 93 -12.63 -23.13 21.93
CA ALA A 93 -12.73 -23.27 20.49
C ALA A 93 -12.42 -21.97 19.77
N SER A 94 -11.56 -22.04 18.77
CA SER A 94 -11.36 -20.88 17.90
C SER A 94 -12.60 -20.66 17.04
N GLU A 95 -12.63 -19.52 16.36
CA GLU A 95 -13.76 -19.26 15.47
C GLU A 95 -13.79 -20.26 14.33
N ALA A 96 -12.62 -20.59 13.77
CA ALA A 96 -12.59 -21.58 12.71
C ALA A 96 -13.08 -22.95 13.21
N GLU A 97 -12.73 -23.32 14.45
CA GLU A 97 -13.25 -24.57 15.00
C GLU A 97 -14.77 -24.51 15.21
N THR A 98 -15.27 -23.41 15.78
CA THR A 98 -16.71 -23.28 15.95
C THR A 98 -17.44 -23.42 14.61
N LEU A 99 -16.90 -22.81 13.56
CA LEU A 99 -17.53 -22.86 12.26
C LEU A 99 -17.61 -24.28 11.72
N ILE A 100 -16.54 -25.07 11.90
CA ILE A 100 -16.59 -26.45 11.44
C ILE A 100 -17.57 -27.27 12.28
N SER A 101 -17.66 -26.96 13.58
CA SER A 101 -18.70 -27.58 14.41
C SER A 101 -20.08 -27.39 13.80
N ARG A 102 -20.38 -26.17 13.34
CA ARG A 102 -21.66 -25.91 12.72
C ARG A 102 -21.81 -26.67 11.41
N LEU A 103 -20.72 -26.86 10.68
CA LEU A 103 -20.79 -27.64 9.45
C LEU A 103 -21.22 -29.07 9.72
N ILE A 104 -20.80 -29.63 10.85
CA ILE A 104 -21.20 -31.00 11.19
C ILE A 104 -22.62 -31.03 11.73
N ASP A 105 -22.94 -30.09 12.62
CA ASP A 105 -24.23 -30.08 13.32
C ASP A 105 -25.39 -29.90 12.33
N ARG A 106 -25.28 -28.93 11.43
CA ARG A 106 -26.39 -28.56 10.54
C ARG A 106 -26.95 -29.73 9.73
N PRO A 107 -26.16 -30.59 9.08
CA PRO A 107 -26.78 -31.68 8.31
C PRO A 107 -27.30 -32.81 9.18
N ILE A 108 -26.71 -33.05 10.35
CA ILE A 108 -27.15 -34.22 11.11
C ILE A 108 -28.38 -33.89 11.94
N ARG A 109 -28.52 -32.64 12.39
CA ARG A 109 -29.60 -32.30 13.31
C ARG A 109 -31.00 -32.62 12.78
N PRO A 110 -31.36 -32.34 11.52
CA PRO A 110 -32.70 -32.72 11.06
C PRO A 110 -32.88 -34.21 10.80
N LEU A 111 -31.80 -35.00 10.79
CA LEU A 111 -31.94 -36.43 10.48
C LEU A 111 -32.33 -37.26 11.70
N PHE A 112 -32.57 -36.63 12.83
CA PHE A 112 -33.16 -37.38 13.93
C PHE A 112 -34.67 -37.19 13.91
N PRO A 113 -35.44 -38.24 14.18
CA PRO A 113 -36.90 -38.13 14.04
C PRO A 113 -37.50 -37.14 15.02
N GLU A 114 -38.65 -36.57 14.63
CA GLU A 114 -39.43 -35.76 15.54
C GLU A 114 -39.78 -36.56 16.78
N GLY A 115 -39.57 -35.95 17.95
CA GLY A 115 -39.84 -36.61 19.22
C GLY A 115 -38.71 -37.42 19.80
N TYR A 116 -37.53 -37.39 19.19
CA TYR A 116 -36.36 -38.05 19.72
C TYR A 116 -35.56 -37.04 20.55
N TYR A 117 -35.61 -37.19 21.87
CA TYR A 117 -35.06 -36.20 22.79
C TYR A 117 -33.87 -36.72 23.58
N ASN A 118 -33.27 -37.84 23.19
CA ASN A 118 -32.08 -38.32 23.85
C ASN A 118 -30.92 -37.37 23.57
N GLU A 119 -30.06 -37.19 24.57
CA GLU A 119 -28.88 -36.36 24.39
C GLU A 119 -27.87 -37.05 23.51
N ILE A 120 -27.28 -36.29 22.58
CA ILE A 120 -26.24 -36.76 21.68
C ILE A 120 -25.08 -35.78 21.72
N GLN A 121 -23.87 -36.28 21.87
CA GLN A 121 -22.69 -35.42 21.87
C GLN A 121 -21.65 -35.99 20.91
N VAL A 122 -21.18 -35.15 19.99
CA VAL A 122 -20.16 -35.49 19.02
C VAL A 122 -18.88 -34.78 19.43
N THR A 123 -17.81 -35.54 19.59
CA THR A 123 -16.49 -34.98 19.87
C THR A 123 -15.57 -35.39 18.73
N ALA A 124 -15.24 -34.44 17.87
CA ALA A 124 -14.39 -34.70 16.72
C ALA A 124 -13.07 -33.99 16.93
N THR A 125 -11.98 -34.75 16.91
CA THR A 125 -10.66 -34.25 17.26
C THR A 125 -9.69 -34.58 16.14
N VAL A 126 -9.08 -33.54 15.57
CA VAL A 126 -8.04 -33.74 14.57
C VAL A 126 -6.75 -34.09 15.28
N VAL A 127 -6.25 -35.31 15.04
CA VAL A 127 -5.10 -35.85 15.74
C VAL A 127 -3.88 -36.00 14.85
N SER A 128 -4.03 -35.74 13.55
CA SER A 128 -2.87 -35.72 12.64
C SER A 128 -3.25 -34.97 11.38
N SER A 129 -2.36 -34.08 10.94
CA SER A 129 -2.58 -33.33 9.72
C SER A 129 -1.23 -32.98 9.11
N ASP A 130 -1.08 -33.25 7.82
CA ASP A 130 0.11 -32.81 7.10
C ASP A 130 -0.06 -31.43 6.48
N LYS A 131 -1.10 -30.69 6.90
CA LYS A 131 -1.29 -29.28 6.54
C LYS A 131 -1.51 -29.05 5.05
N THR A 132 -1.99 -30.06 4.32
CA THR A 132 -2.24 -29.88 2.90
C THR A 132 -3.68 -29.52 2.59
N MET A 133 -4.61 -29.80 3.49
CA MET A 133 -6.01 -29.51 3.19
C MET A 133 -6.79 -29.37 4.49
N GLU A 134 -8.00 -28.84 4.36
CA GLU A 134 -8.92 -28.69 5.47
C GLU A 134 -9.39 -30.06 5.96
N ALA A 135 -9.60 -30.17 7.27
CA ALA A 135 -9.97 -31.44 7.88
C ALA A 135 -11.48 -31.57 8.09
N ASP A 136 -12.27 -30.63 7.58
CA ASP A 136 -13.71 -30.62 7.87
C ASP A 136 -14.43 -31.78 7.20
N ILE A 137 -14.12 -32.07 5.93
CA ILE A 137 -14.78 -33.18 5.24
C ILE A 137 -14.53 -34.49 5.97
N ALA A 138 -13.27 -34.75 6.33
CA ALA A 138 -12.95 -35.97 7.08
C ALA A 138 -13.71 -36.02 8.40
N ALA A 139 -13.78 -34.88 9.10
CA ALA A 139 -14.53 -34.84 10.35
C ALA A 139 -16.02 -35.08 10.10
N MET A 140 -16.54 -34.60 8.96
CA MET A 140 -17.94 -34.84 8.65
C MET A 140 -18.20 -36.31 8.33
N LEU A 141 -17.33 -36.93 7.54
CA LEU A 141 -17.48 -38.36 7.26
C LEU A 141 -17.30 -39.18 8.53
N GLY A 142 -16.36 -38.77 9.39
CA GLY A 142 -16.16 -39.48 10.64
C GLY A 142 -17.38 -39.42 11.55
N THR A 143 -18.04 -38.26 11.61
CA THR A 143 -19.28 -38.15 12.37
C THR A 143 -20.36 -39.05 11.79
N SER A 144 -20.45 -39.08 10.46
CA SER A 144 -21.45 -39.92 9.79
C SER A 144 -21.24 -41.38 10.17
N ALA A 145 -20.00 -41.85 10.11
CA ALA A 145 -19.69 -43.24 10.42
C ALA A 145 -19.93 -43.54 11.89
N ALA A 146 -19.54 -42.62 12.79
CA ALA A 146 -19.72 -42.89 14.22
C ALA A 146 -21.20 -42.95 14.58
N LEU A 147 -22.01 -42.09 13.96
CA LEU A 147 -23.45 -42.19 14.21
C LEU A 147 -24.01 -43.48 13.62
N ALA A 148 -23.45 -43.94 12.50
CA ALA A 148 -23.99 -45.14 11.86
C ALA A 148 -23.88 -46.36 12.77
N ILE A 149 -22.90 -46.41 13.67
CA ILE A 149 -22.73 -47.58 14.55
C ILE A 149 -23.26 -47.32 15.95
N ALA A 150 -23.92 -46.18 16.18
CA ALA A 150 -24.27 -45.77 17.54
C ALA A 150 -25.63 -46.27 17.99
N GLY A 151 -26.38 -46.96 17.13
CA GLY A 151 -27.64 -47.55 17.55
C GLY A 151 -28.79 -46.59 17.76
N THR A 152 -28.74 -45.40 17.18
CA THR A 152 -29.80 -44.41 17.31
C THR A 152 -30.73 -44.44 16.09
N PRO A 153 -31.91 -43.78 16.18
CA PRO A 153 -32.79 -43.69 15.01
C PRO A 153 -32.30 -42.68 13.97
N PHE A 154 -31.06 -42.21 14.08
CA PHE A 154 -30.48 -41.34 13.08
C PHE A 154 -30.70 -41.90 11.69
N ARG A 155 -31.21 -41.07 10.78
CA ARG A 155 -31.58 -41.51 9.43
C ARG A 155 -30.44 -41.32 8.44
N GLY A 156 -29.25 -41.77 8.80
CA GLY A 156 -28.11 -41.64 7.93
C GLY A 156 -27.93 -42.85 7.05
N PRO A 157 -26.71 -43.04 6.54
CA PRO A 157 -25.55 -42.17 6.72
C PRO A 157 -25.66 -40.87 5.92
N ILE A 158 -24.79 -39.91 6.20
CA ILE A 158 -24.65 -38.73 5.37
C ILE A 158 -23.31 -38.81 4.66
N GLY A 159 -23.18 -38.04 3.58
CA GLY A 159 -21.91 -37.82 2.94
C GLY A 159 -21.54 -36.34 3.00
N ALA A 160 -20.29 -36.06 2.68
CA ALA A 160 -19.84 -34.68 2.62
C ALA A 160 -18.81 -34.53 1.52
N ALA A 161 -18.72 -33.32 0.97
CA ALA A 161 -17.78 -33.03 -0.08
C ALA A 161 -17.59 -31.53 -0.19
N ARG A 162 -16.36 -31.13 -0.50
CA ARG A 162 -16.08 -29.78 -0.94
C ARG A 162 -15.95 -29.78 -2.47
N VAL A 163 -16.57 -28.80 -3.10
CA VAL A 163 -16.52 -28.64 -4.55
C VAL A 163 -15.87 -27.30 -4.83
N GLY A 164 -14.80 -27.32 -5.62
CA GLY A 164 -14.20 -26.13 -6.17
C GLY A 164 -14.49 -26.02 -7.68
N LEU A 165 -14.06 -24.90 -8.24
CA LEU A 165 -14.16 -24.67 -9.68
C LEU A 165 -12.81 -24.17 -10.19
N ILE A 166 -12.12 -25.03 -10.95
CA ILE A 166 -10.82 -24.71 -11.52
C ILE A 166 -10.91 -24.92 -13.03
N ASN A 167 -10.58 -23.87 -13.79
CA ASN A 167 -10.63 -23.89 -15.25
C ASN A 167 -12.01 -24.32 -15.75
N GLY A 168 -13.05 -23.79 -15.12
CA GLY A 168 -14.41 -24.09 -15.51
C GLY A 168 -14.89 -25.49 -15.16
N GLU A 169 -14.14 -26.24 -14.36
CA GLU A 169 -14.50 -27.61 -14.04
C GLU A 169 -14.59 -27.81 -12.54
N TYR A 170 -15.59 -28.58 -12.12
CA TYR A 170 -15.74 -28.89 -10.71
C TYR A 170 -14.61 -29.82 -10.26
N VAL A 171 -14.15 -29.61 -9.02
CA VAL A 171 -13.08 -30.40 -8.43
C VAL A 171 -13.54 -30.90 -7.07
N LEU A 172 -13.40 -32.20 -6.85
CA LEU A 172 -13.85 -32.84 -5.61
C LEU A 172 -12.76 -32.74 -4.56
N ASN A 173 -13.14 -32.27 -3.37
CA ASN A 173 -12.30 -32.16 -2.18
C ASN A 173 -10.92 -31.58 -2.49
N PRO A 174 -10.83 -30.36 -3.01
CA PRO A 174 -9.52 -29.77 -3.29
C PRO A 174 -8.73 -29.47 -2.02
N ASN A 175 -7.41 -29.52 -2.17
CA ASN A 175 -6.49 -29.18 -1.09
C ASN A 175 -6.20 -27.68 -1.12
N PHE A 176 -5.36 -27.21 -0.18
CA PHE A 176 -5.10 -25.78 -0.06
C PHE A 176 -4.50 -25.23 -1.36
N GLU A 177 -3.63 -26.00 -2.00
CA GLU A 177 -2.94 -25.53 -3.19
C GLU A 177 -3.89 -25.41 -4.37
N GLN A 178 -4.80 -26.38 -4.52
CA GLN A 178 -5.82 -26.29 -5.56
C GLN A 178 -6.79 -25.15 -5.31
N MET A 179 -7.17 -24.92 -4.03
CA MET A 179 -8.13 -23.87 -3.70
C MET A 179 -7.60 -22.47 -4.02
N ALA A 180 -6.28 -22.28 -4.07
CA ALA A 180 -5.76 -20.97 -4.44
C ALA A 180 -6.07 -20.59 -5.88
N GLN A 181 -6.45 -21.55 -6.72
CA GLN A 181 -6.85 -21.28 -8.10
C GLN A 181 -8.34 -21.50 -8.33
N SER A 182 -9.12 -21.66 -7.27
CA SER A 182 -10.53 -21.99 -7.40
C SER A 182 -11.39 -20.73 -7.31
N ASP A 183 -12.41 -20.67 -8.16
CA ASP A 183 -13.43 -19.62 -8.09
C ASP A 183 -14.59 -20.00 -7.20
N LEU A 184 -14.48 -21.13 -6.49
CA LEU A 184 -15.58 -21.65 -5.71
C LEU A 184 -15.03 -22.38 -4.49
N ASP A 185 -15.70 -22.20 -3.36
CA ASP A 185 -15.43 -22.95 -2.13
C ASP A 185 -16.81 -23.34 -1.60
N LEU A 186 -17.27 -24.52 -1.97
CA LEU A 186 -18.60 -24.97 -1.59
C LEU A 186 -18.47 -26.29 -0.85
N VAL A 187 -19.14 -26.40 0.29
CA VAL A 187 -19.25 -27.66 1.02
CA VAL A 187 -19.25 -27.64 1.04
C VAL A 187 -20.72 -28.06 1.04
N VAL A 188 -20.98 -29.31 0.68
CA VAL A 188 -22.33 -29.85 0.63
C VAL A 188 -22.33 -31.15 1.43
N ALA A 189 -23.43 -31.40 2.13
CA ALA A 189 -23.68 -32.67 2.79
C ALA A 189 -25.05 -33.15 2.37
N GLY A 190 -25.20 -34.47 2.24
CA GLY A 190 -26.51 -35.01 1.98
C GLY A 190 -26.56 -36.47 2.37
N THR A 191 -27.74 -37.04 2.23
CA THR A 191 -27.93 -38.47 2.35
C THR A 191 -27.87 -39.11 0.97
N GLU A 192 -28.21 -40.39 0.93
CA GLU A 192 -28.23 -41.11 -0.32
C GLU A 192 -29.22 -40.49 -1.31
N SER A 193 -30.32 -39.90 -0.83
CA SER A 193 -31.35 -39.40 -1.72
C SER A 193 -31.51 -37.89 -1.75
N ALA A 194 -30.96 -37.14 -0.78
CA ALA A 194 -31.26 -35.73 -0.71
C ALA A 194 -30.06 -34.89 -0.27
N VAL A 195 -29.93 -33.71 -0.87
CA VAL A 195 -29.03 -32.69 -0.35
C VAL A 195 -29.63 -32.10 0.93
N LEU A 196 -28.78 -31.90 1.94
CA LEU A 196 -29.20 -31.39 3.25
C LEU A 196 -28.67 -30.01 3.57
N MET A 197 -27.42 -29.75 3.21
CA MET A 197 -26.73 -28.56 3.71
C MET A 197 -25.75 -28.09 2.65
N VAL A 198 -25.76 -26.78 2.39
CA VAL A 198 -24.80 -26.16 1.49
C VAL A 198 -24.23 -24.93 2.18
N GLU A 199 -22.92 -24.75 2.11
CA GLU A 199 -22.23 -23.58 2.65
C GLU A 199 -21.16 -23.20 1.63
N SER A 200 -21.21 -21.96 1.11
CA SER A 200 -20.39 -21.71 -0.06
C SER A 200 -20.02 -20.24 -0.21
N GLU A 201 -18.89 -20.04 -0.88
CA GLU A 201 -18.35 -18.74 -1.24
C GLU A 201 -17.98 -18.83 -2.71
N ALA A 202 -18.28 -17.78 -3.48
CA ALA A 202 -18.05 -17.85 -4.92
C ALA A 202 -17.65 -16.49 -5.50
N LYS A 203 -16.89 -16.55 -6.58
CA LYS A 203 -16.47 -15.36 -7.31
C LYS A 203 -17.49 -15.03 -8.40
N GLU A 204 -18.67 -14.60 -7.95
CA GLU A 204 -19.74 -14.09 -8.81
C GLU A 204 -20.15 -15.09 -9.88
N LEU A 205 -20.36 -16.34 -9.46
CA LEU A 205 -20.77 -17.39 -10.38
C LEU A 205 -22.29 -17.36 -10.62
N SER A 206 -22.71 -18.00 -11.71
CA SER A 206 -24.11 -18.00 -12.07
C SER A 206 -24.91 -19.04 -11.27
N GLU A 207 -26.23 -18.81 -11.23
CA GLU A 207 -27.15 -19.74 -10.62
C GLU A 207 -26.95 -21.15 -11.16
N ASP A 208 -26.74 -21.27 -12.47
CA ASP A 208 -26.54 -22.57 -13.06
C ASP A 208 -25.24 -23.20 -12.59
N GLN A 209 -24.15 -22.42 -12.56
CA GLN A 209 -22.89 -22.94 -12.04
C GLN A 209 -23.00 -23.37 -10.58
N MET A 210 -23.69 -22.57 -9.75
CA MET A 210 -23.79 -22.90 -8.33
C MET A 210 -24.61 -24.17 -8.10
N LEU A 211 -25.74 -24.31 -8.79
CA LEU A 211 -26.53 -25.52 -8.61
C LEU A 211 -25.76 -26.75 -9.11
N GLY A 212 -25.04 -26.63 -10.22
CA GLY A 212 -24.25 -27.74 -10.72
C GLY A 212 -23.20 -28.22 -9.73
N ALA A 213 -22.59 -27.29 -8.99
CA ALA A 213 -21.62 -27.67 -7.97
C ALA A 213 -22.27 -28.48 -6.84
N VAL A 214 -23.50 -28.10 -6.47
CA VAL A 214 -24.23 -28.84 -5.45
C VAL A 214 -24.53 -30.26 -5.91
N LEU A 215 -25.04 -30.41 -7.15
CA LEU A 215 -25.36 -31.74 -7.66
C LEU A 215 -24.11 -32.57 -7.94
N PHE A 216 -23.02 -31.93 -8.36
CA PHE A 216 -21.74 -32.62 -8.50
C PHE A 216 -21.30 -33.21 -7.16
N GLY A 217 -21.40 -32.41 -6.10
CA GLY A 217 -21.01 -32.88 -4.78
C GLY A 217 -21.92 -33.97 -4.25
N HIS A 218 -23.23 -33.82 -4.46
CA HIS A 218 -24.13 -34.87 -4.03
C HIS A 218 -23.87 -36.19 -4.76
N ASP A 219 -23.50 -36.12 -6.05
CA ASP A 219 -23.20 -37.33 -6.80
C ASP A 219 -21.91 -37.99 -6.34
N GLU A 220 -20.86 -37.18 -6.15
CA GLU A 220 -19.55 -37.76 -5.85
C GLU A 220 -19.49 -38.34 -4.44
N MET A 221 -20.29 -37.83 -3.51
CA MET A 221 -20.25 -38.34 -2.15
C MET A 221 -20.94 -39.68 -2.01
N GLN A 222 -21.67 -40.14 -3.04
CA GLN A 222 -22.40 -41.40 -2.93
C GLN A 222 -21.48 -42.57 -2.60
N ILE A 223 -20.28 -42.59 -3.19
CA ILE A 223 -19.35 -43.70 -2.93
C ILE A 223 -19.01 -43.75 -1.46
N ALA A 224 -18.87 -42.58 -0.82
CA ALA A 224 -18.54 -42.53 0.61
C ALA A 224 -19.71 -42.99 1.49
N ILE A 225 -20.93 -42.60 1.13
CA ILE A 225 -22.11 -43.04 1.88
C ILE A 225 -22.23 -44.56 1.84
N GLN A 226 -22.01 -45.16 0.66
CA GLN A 226 -22.13 -46.61 0.54
C GLN A 226 -21.04 -47.32 1.33
N ALA A 227 -19.84 -46.71 1.40
CA ALA A 227 -18.76 -47.28 2.20
C ALA A 227 -19.07 -47.20 3.69
N ILE A 228 -19.62 -46.06 4.15
CA ILE A 228 -20.06 -45.99 5.53
C ILE A 228 -21.11 -47.05 5.82
N ASN A 229 -22.04 -47.26 4.88
CA ASN A 229 -23.08 -48.27 5.05
C ASN A 229 -22.48 -49.66 5.25
N GLU A 230 -21.50 -50.01 4.43
CA GLU A 230 -20.88 -51.34 4.54
C GLU A 230 -20.01 -51.45 5.80
N PHE A 231 -19.33 -50.37 6.18
CA PHE A 231 -18.55 -50.33 7.41
C PHE A 231 -19.44 -50.58 8.63
N ALA A 232 -20.56 -49.84 8.71
CA ALA A 232 -21.49 -49.99 9.83
C ALA A 232 -22.05 -51.41 9.91
N ALA A 233 -22.30 -52.03 8.76
CA ALA A 233 -22.78 -53.41 8.79
C ALA A 233 -21.73 -54.35 9.35
N ALA A 234 -20.47 -54.20 8.93
CA ALA A 234 -19.41 -55.07 9.45
C ALA A 234 -19.17 -54.80 10.93
N ALA A 235 -19.42 -53.58 11.39
CA ALA A 235 -19.31 -53.27 12.82
C ALA A 235 -20.52 -53.73 13.61
N GLY A 236 -21.46 -54.42 12.96
CA GLY A 236 -22.61 -54.98 13.65
C GLY A 236 -23.75 -54.03 13.90
N ALA A 237 -23.83 -52.92 13.18
CA ALA A 237 -24.96 -52.03 13.36
C ALA A 237 -26.24 -52.71 12.88
N LYS A 238 -27.34 -52.40 13.55
CA LYS A 238 -28.64 -52.99 13.24
C LYS A 238 -29.67 -51.87 13.20
N PRO A 239 -30.78 -52.08 12.48
CA PRO A 239 -31.80 -51.04 12.41
C PRO A 239 -32.32 -50.66 13.79
N SER A 240 -32.74 -49.39 13.92
CA SER A 240 -33.28 -48.94 15.18
C SER A 240 -34.70 -49.45 15.32
N ASP A 241 -35.06 -49.86 16.54
CA ASP A 241 -36.43 -50.23 16.82
C ASP A 241 -37.21 -49.12 17.52
N TRP A 242 -36.52 -48.03 17.89
CA TRP A 242 -37.16 -46.88 18.52
C TRP A 242 -38.40 -46.46 17.75
N VAL A 243 -39.48 -46.24 18.49
CA VAL A 243 -40.75 -45.81 17.91
C VAL A 243 -41.14 -44.50 18.59
N ALA A 244 -41.61 -43.55 17.79
CA ALA A 244 -42.00 -42.26 18.34
C ALA A 244 -43.31 -42.40 19.11
N PRO A 245 -43.40 -41.86 20.32
CA PRO A 245 -44.64 -41.96 21.09
C PRO A 245 -45.80 -41.28 20.39
N ALA A 246 -46.99 -41.79 20.64
CA ALA A 246 -48.20 -41.22 20.07
C ALA A 246 -48.64 -40.02 20.92
N HIS A 247 -49.62 -39.29 20.40
CA HIS A 247 -50.05 -38.04 20.99
C HIS A 247 -51.52 -38.16 21.40
N ASN A 248 -51.96 -37.23 22.23
CA ASN A 248 -53.33 -37.27 22.73
C ASN A 248 -54.26 -36.82 21.60
N GLU A 249 -54.84 -37.79 20.89
CA GLU A 249 -55.71 -37.53 19.73
C GLU A 249 -57.11 -37.07 20.14
N GLU A 250 -57.16 -35.95 20.86
CA GLU A 250 -58.43 -35.33 21.23
C GLU A 250 -58.19 -33.91 21.72
N LYS A 262 -60.46 -20.76 12.23
CA LYS A 262 -60.44 -20.09 13.53
C LYS A 262 -59.03 -19.70 13.91
N ILE A 263 -58.09 -20.60 13.59
CA ILE A 263 -56.66 -20.37 13.84
C ILE A 263 -56.09 -19.26 12.96
N SER A 264 -56.62 -19.13 11.74
CA SER A 264 -56.06 -18.18 10.76
C SER A 264 -56.07 -16.74 11.26
N GLU A 265 -57.10 -16.34 12.03
CA GLU A 265 -57.28 -14.93 12.36
C GLU A 265 -56.05 -14.29 12.99
N ALA A 266 -55.40 -14.97 13.93
CA ALA A 266 -54.25 -14.36 14.59
C ALA A 266 -53.10 -14.13 13.61
N TYR A 267 -52.91 -15.05 12.67
CA TYR A 267 -51.85 -14.95 11.69
C TYR A 267 -52.14 -13.98 10.55
N THR A 268 -53.19 -13.16 10.65
CA THR A 268 -53.38 -12.06 9.71
C THR A 268 -52.97 -10.72 10.33
N ILE A 269 -52.55 -10.71 11.59
CA ILE A 269 -51.99 -9.51 12.21
C ILE A 269 -50.58 -9.34 11.69
N ALA A 270 -50.33 -8.23 10.98
CA ALA A 270 -49.08 -8.07 10.25
C ALA A 270 -47.92 -7.65 11.15
N VAL A 271 -48.20 -6.85 12.19
CA VAL A 271 -47.13 -6.38 13.08
C VAL A 271 -46.65 -7.54 13.95
N LYS A 272 -45.35 -7.78 13.94
CA LYS A 272 -44.79 -8.95 14.62
C LYS A 272 -45.07 -8.92 16.11
N GLN A 273 -44.85 -7.77 16.76
CA GLN A 273 -45.05 -7.68 18.21
C GLN A 273 -46.48 -7.98 18.60
N ASP A 274 -47.43 -7.41 17.85
CA ASP A 274 -48.84 -7.61 18.15
C ASP A 274 -49.32 -8.99 17.76
N ARG A 275 -48.73 -9.58 16.70
CA ARG A 275 -49.15 -10.92 16.30
C ARG A 275 -48.78 -11.95 17.36
N TYR A 276 -47.55 -11.87 17.88
CA TYR A 276 -47.12 -12.79 18.93
C TYR A 276 -47.91 -12.58 20.21
N ALA A 277 -48.18 -11.33 20.58
CA ALA A 277 -48.97 -11.06 21.77
C ALA A 277 -50.37 -11.66 21.65
N ALA A 278 -50.98 -11.56 20.46
CA ALA A 278 -52.25 -12.22 20.22
C ALA A 278 -52.10 -13.75 20.30
N LEU A 279 -51.03 -14.28 19.69
CA LEU A 279 -50.80 -15.71 19.72
C LEU A 279 -50.46 -16.20 21.14
N ASP A 280 -49.60 -15.48 21.85
CA ASP A 280 -49.26 -15.87 23.23
C ASP A 280 -50.50 -15.85 24.12
N ALA A 281 -51.37 -14.85 23.92
CA ALA A 281 -52.63 -14.78 24.67
C ALA A 281 -53.55 -15.93 24.31
N LEU A 282 -53.52 -16.38 23.04
CA LEU A 282 -54.29 -17.55 22.65
C LEU A 282 -53.79 -18.79 23.36
N HIS A 283 -52.48 -18.90 23.56
CA HIS A 283 -51.92 -20.06 24.25
C HIS A 283 -52.34 -20.10 25.72
N ALA A 284 -52.38 -18.95 26.39
CA ALA A 284 -52.84 -18.93 27.77
C ALA A 284 -54.32 -19.31 27.84
N GLU A 285 -55.13 -18.86 26.88
CA GLU A 285 -56.52 -19.28 26.80
C GLU A 285 -56.64 -20.80 26.63
N ALA A 286 -55.76 -21.40 25.83
CA ALA A 286 -55.81 -22.84 25.62
C ALA A 286 -55.41 -23.61 26.87
N VAL A 287 -54.40 -23.11 27.61
CA VAL A 287 -53.94 -23.78 28.82
C VAL A 287 -54.98 -23.70 29.93
N ALA A 288 -55.66 -22.56 30.05
CA ALA A 288 -56.74 -22.45 31.02
C ALA A 288 -57.87 -23.43 30.72
N GLN A 289 -58.17 -23.63 29.43
CA GLN A 289 -59.30 -24.47 29.04
C GLN A 289 -58.97 -25.96 29.06
N PHE A 290 -57.72 -26.32 28.79
CA PHE A 290 -57.36 -27.72 28.62
C PHE A 290 -56.33 -28.16 29.66
N ALA A 300 -49.64 -31.03 30.78
CA ALA A 300 -49.31 -29.65 30.41
C ALA A 300 -48.45 -29.64 29.16
N ASP A 301 -47.53 -30.60 29.08
CA ASP A 301 -46.64 -30.67 27.92
C ASP A 301 -47.40 -31.04 26.66
N GLU A 302 -48.50 -31.79 26.79
CA GLU A 302 -49.31 -32.16 25.63
C GLU A 302 -49.98 -30.95 25.00
N VAL A 303 -50.38 -29.96 25.81
CA VAL A 303 -50.95 -28.73 25.26
C VAL A 303 -49.87 -27.90 24.60
N ASP A 304 -48.69 -27.81 25.21
CA ASP A 304 -47.57 -27.09 24.62
C ASP A 304 -47.19 -27.65 23.25
N TYR A 305 -47.06 -28.98 23.15
CA TYR A 305 -46.67 -29.58 21.87
C TYR A 305 -47.78 -29.43 20.83
N LEU A 306 -49.01 -29.79 21.19
CA LEU A 306 -50.12 -29.73 20.25
C LEU A 306 -50.45 -28.30 19.81
N PHE A 307 -50.27 -27.32 20.71
CA PHE A 307 -50.57 -25.92 20.36
C PHE A 307 -49.61 -25.40 19.30
N GLU A 308 -48.32 -25.76 19.39
CA GLU A 308 -47.37 -25.34 18.36
C GLU A 308 -47.65 -26.03 17.03
N ASP A 309 -47.99 -27.32 17.07
CA ASP A 309 -48.29 -28.03 15.82
C ASP A 309 -49.50 -27.44 15.13
N LEU A 310 -50.47 -26.93 15.88
CA LEU A 310 -51.62 -26.31 15.25
C LEU A 310 -51.21 -25.03 14.53
N LYS A 311 -50.36 -24.21 15.16
CA LYS A 311 -49.83 -23.04 14.48
C LYS A 311 -49.01 -23.47 13.25
N TYR A 312 -48.23 -24.55 13.40
CA TYR A 312 -47.41 -25.05 12.28
C TYR A 312 -48.27 -25.43 11.09
N ARG A 313 -49.31 -26.22 11.33
CA ARG A 313 -50.18 -26.67 10.25
C ARG A 313 -50.91 -25.50 9.60
N THR A 314 -51.32 -24.51 10.40
CA THR A 314 -52.13 -23.40 9.89
C THR A 314 -51.36 -22.56 8.87
N VAL A 315 -50.18 -22.09 9.26
CA VAL A 315 -49.43 -21.18 8.39
C VAL A 315 -48.96 -21.87 7.11
N ARG A 316 -48.63 -23.17 7.18
CA ARG A 316 -48.16 -23.85 5.97
C ARG A 316 -49.26 -24.05 4.95
N ASP A 317 -50.45 -24.51 5.38
CA ASP A 317 -51.52 -24.70 4.42
C ASP A 317 -51.97 -23.38 3.80
N ASN A 318 -51.92 -22.29 4.57
CA ASN A 318 -52.23 -20.98 4.00
C ASN A 318 -51.30 -20.67 2.82
N ILE A 319 -50.01 -20.95 2.96
CA ILE A 319 -49.09 -20.69 1.86
C ILE A 319 -49.38 -21.59 0.68
N LEU A 320 -49.59 -22.88 0.94
CA LEU A 320 -49.77 -23.83 -0.15
C LEU A 320 -51.09 -23.59 -0.87
N SER A 321 -52.10 -23.12 -0.17
CA SER A 321 -53.39 -22.86 -0.79
C SER A 321 -53.43 -21.51 -1.51
N GLY A 322 -52.32 -20.78 -1.58
CA GLY A 322 -52.27 -19.54 -2.33
C GLY A 322 -52.82 -18.32 -1.62
N LYS A 323 -53.06 -18.42 -0.31
CA LYS A 323 -53.52 -17.27 0.44
C LYS A 323 -52.37 -16.31 0.69
N PRO A 324 -52.66 -15.04 0.91
CA PRO A 324 -51.59 -14.10 1.25
C PRO A 324 -50.89 -14.51 2.54
N ARG A 325 -49.60 -14.21 2.59
CA ARG A 325 -48.77 -14.53 3.74
C ARG A 325 -49.23 -13.73 4.96
N ILE A 326 -48.57 -13.98 6.08
CA ILE A 326 -48.96 -13.40 7.37
C ILE A 326 -49.03 -11.87 7.29
N ASP A 327 -48.11 -11.26 6.55
CA ASP A 327 -48.07 -9.81 6.40
C ASP A 327 -48.78 -9.32 5.13
N GLY A 328 -49.48 -10.22 4.44
CA GLY A 328 -50.22 -9.84 3.24
C GLY A 328 -49.50 -10.04 1.91
N ARG A 329 -48.21 -10.32 1.92
CA ARG A 329 -47.45 -10.45 0.68
C ARG A 329 -47.84 -11.72 -0.09
N ASP A 330 -47.62 -11.68 -1.41
CA ASP A 330 -47.61 -12.91 -2.20
C ASP A 330 -46.21 -13.53 -2.12
N THR A 331 -45.99 -14.64 -2.82
CA THR A 331 -44.78 -15.43 -2.59
C THR A 331 -43.51 -14.73 -3.08
N LYS A 332 -43.62 -13.79 -4.02
CA LYS A 332 -42.44 -13.23 -4.67
C LYS A 332 -42.11 -11.81 -4.24
N THR A 333 -42.91 -11.18 -3.38
CA THR A 333 -42.71 -9.79 -3.02
C THR A 333 -41.71 -9.66 -1.87
N VAL A 334 -40.75 -8.76 -2.04
CA VAL A 334 -39.81 -8.37 -0.99
C VAL A 334 -40.45 -7.30 -0.12
N ARG A 335 -40.10 -7.28 1.16
CA ARG A 335 -40.65 -6.28 2.07
C ARG A 335 -40.13 -4.88 1.69
N ALA A 336 -40.78 -3.86 2.27
CA ALA A 336 -40.39 -2.48 2.02
C ALA A 336 -38.96 -2.25 2.46
N LEU A 337 -38.25 -1.40 1.72
CA LEU A 337 -36.83 -1.18 1.94
C LEU A 337 -36.55 0.29 2.24
N ASP A 338 -35.58 0.52 3.12
CA ASP A 338 -35.07 1.87 3.38
C ASP A 338 -33.55 1.75 3.46
N VAL A 339 -32.85 2.62 2.76
CA VAL A 339 -31.40 2.53 2.59
C VAL A 339 -30.80 3.88 2.94
N GLN A 340 -29.92 3.91 3.95
CA GLN A 340 -29.28 5.15 4.40
C GLN A 340 -27.80 4.93 4.64
N VAL A 341 -26.96 5.86 4.18
CA VAL A 341 -25.53 5.81 4.43
C VAL A 341 -25.10 7.08 5.17
N GLY A 342 -23.87 7.04 5.71
CA GLY A 342 -23.36 8.17 6.46
C GLY A 342 -24.17 8.50 7.68
N VAL A 343 -24.70 7.49 8.36
CA VAL A 343 -25.58 7.73 9.51
C VAL A 343 -24.83 7.93 10.81
N LEU A 344 -23.51 7.75 10.82
CA LEU A 344 -22.69 7.96 12.01
C LEU A 344 -21.59 8.94 11.67
N GLU A 345 -21.45 10.00 12.46
CA GLU A 345 -20.56 11.08 12.07
C GLU A 345 -19.09 10.64 12.04
N ARG A 346 -18.65 9.80 12.97
CA ARG A 346 -17.23 9.49 13.10
C ARG A 346 -16.84 8.09 12.63
N ALA A 347 -17.76 7.27 12.19
CA ALA A 347 -17.40 5.99 11.59
C ALA A 347 -16.87 6.25 10.20
N HIS A 348 -15.83 5.50 9.81
CA HIS A 348 -15.23 5.70 8.48
C HIS A 348 -16.26 5.48 7.38
N GLY A 349 -17.13 4.49 7.55
CA GLY A 349 -18.30 4.34 6.70
C GLY A 349 -19.41 3.76 7.55
N SER A 350 -20.65 4.11 7.21
CA SER A 350 -21.78 3.62 8.00
C SER A 350 -23.00 3.51 7.09
N ALA A 351 -23.89 2.59 7.45
CA ALA A 351 -25.13 2.42 6.72
C ALA A 351 -26.20 1.88 7.64
N LEU A 352 -27.44 2.30 7.39
CA LEU A 352 -28.61 1.72 8.03
C LEU A 352 -29.45 1.08 6.94
N PHE A 353 -29.56 -0.25 6.96
CA PHE A 353 -30.33 -1.00 5.98
C PHE A 353 -31.53 -1.61 6.69
N THR A 354 -32.73 -1.28 6.23
CA THR A 354 -33.95 -1.83 6.80
C THR A 354 -34.75 -2.57 5.73
N ARG A 355 -35.17 -3.80 6.06
CA ARG A 355 -36.01 -4.61 5.20
C ARG A 355 -37.18 -5.08 6.07
N GLY A 356 -38.35 -4.45 5.89
CA GLY A 356 -39.47 -4.74 6.77
C GLY A 356 -39.07 -4.46 8.21
N GLU A 357 -39.08 -5.52 9.03
CA GLU A 357 -38.71 -5.42 10.44
C GLU A 357 -37.32 -6.00 10.71
N THR A 358 -36.47 -6.08 9.70
CA THR A 358 -35.09 -6.52 9.84
C THR A 358 -34.19 -5.33 9.54
N GLN A 359 -33.24 -5.06 10.43
CA GLN A 359 -32.45 -3.84 10.32
C GLN A 359 -31.02 -4.11 10.78
N ALA A 360 -30.07 -3.53 10.06
CA ALA A 360 -28.67 -3.67 10.40
C ALA A 360 -28.01 -2.29 10.36
N LEU A 361 -27.32 -1.94 11.46
CA LEU A 361 -26.44 -0.78 11.50
C LEU A 361 -25.04 -1.33 11.22
N VAL A 362 -24.51 -1.01 10.05
CA VAL A 362 -23.27 -1.62 9.61
C VAL A 362 -22.23 -0.54 9.40
N THR A 363 -21.04 -0.75 9.94
CA THR A 363 -19.95 0.20 9.79
C THR A 363 -18.73 -0.45 9.15
N THR A 364 -17.93 0.38 8.50
CA THR A 364 -16.62 0.02 7.99
C THR A 364 -15.58 0.88 8.69
N THR A 365 -14.52 0.24 9.19
CA THR A 365 -13.40 0.93 9.81
C THR A 365 -12.12 0.55 9.06
N LEU A 366 -11.28 1.54 8.80
CA LEU A 366 -10.03 1.36 8.06
C LEU A 366 -8.84 1.47 9.02
N GLY A 367 -7.87 0.58 8.84
CA GLY A 367 -6.71 0.56 9.73
C GLY A 367 -5.43 0.26 8.98
N ASN A 368 -4.32 0.33 9.73
CA ASN A 368 -2.99 0.03 9.22
C ASN A 368 -2.63 -1.43 9.52
N THR A 369 -1.38 -1.81 9.20
CA THR A 369 -0.96 -3.20 9.36
C THR A 369 -1.12 -3.69 10.80
N ARG A 370 -0.90 -2.81 11.78
CA ARG A 370 -1.03 -3.19 13.19
C ARG A 370 -2.40 -3.75 13.54
N ASP A 371 -3.44 -3.43 12.77
CA ASP A 371 -4.81 -3.81 13.09
C ASP A 371 -5.26 -5.13 12.45
N ALA A 372 -4.42 -5.79 11.66
CA ALA A 372 -4.84 -6.99 10.94
C ALA A 372 -5.15 -8.13 11.89
N LEU A 373 -6.13 -8.95 11.53
CA LEU A 373 -6.50 -10.11 12.33
C LEU A 373 -5.47 -11.22 12.15
N MET A 374 -4.92 -11.70 13.26
CA MET A 374 -3.93 -12.77 13.25
C MET A 374 -4.45 -13.95 14.05
N VAL A 375 -4.43 -15.13 13.42
CA VAL A 375 -4.95 -16.34 14.05
C VAL A 375 -4.00 -17.50 13.72
N ASP A 376 -3.96 -18.48 14.63
CA ASP A 376 -3.17 -19.67 14.43
C ASP A 376 -4.00 -20.75 13.74
N THR A 377 -3.39 -21.42 12.77
CA THR A 377 -3.97 -22.57 12.09
C THR A 377 -2.97 -23.71 12.16
N LEU A 378 -3.38 -24.89 11.70
CA LEU A 378 -2.46 -26.01 11.60
C LEU A 378 -1.38 -25.75 10.57
N ALA A 379 -1.67 -24.92 9.57
CA ALA A 379 -0.72 -24.59 8.52
C ALA A 379 0.24 -23.46 8.88
N GLY A 380 0.01 -22.77 9.99
CA GLY A 380 0.83 -21.65 10.43
C GLY A 380 -0.02 -20.44 10.77
N THR A 381 0.68 -19.36 11.12
CA THR A 381 -0.02 -18.15 11.53
C THR A 381 -0.62 -17.43 10.33
N LYS A 382 -1.89 -17.07 10.45
CA LYS A 382 -2.68 -16.53 9.34
C LYS A 382 -3.00 -15.05 9.61
N THR A 383 -2.56 -14.18 8.71
CA THR A 383 -2.86 -12.75 8.78
C THR A 383 -3.94 -12.41 7.76
N ASP A 384 -5.04 -11.82 8.24
CA ASP A 384 -6.20 -11.53 7.43
C ASP A 384 -6.49 -10.03 7.48
N ASN A 385 -6.47 -9.38 6.32
CA ASN A 385 -6.68 -7.94 6.24
C ASN A 385 -8.16 -7.55 6.20
N PHE A 386 -9.06 -8.52 6.22
CA PHE A 386 -10.50 -8.25 6.25
C PHE A 386 -11.13 -9.09 7.36
N MET A 387 -12.03 -8.46 8.11
CA MET A 387 -12.80 -9.18 9.12
C MET A 387 -14.20 -8.59 9.17
N LEU A 388 -15.17 -9.43 9.53
CA LEU A 388 -16.55 -9.01 9.68
C LEU A 388 -17.08 -9.61 10.98
N HIS A 389 -17.59 -8.75 11.85
CA HIS A 389 -18.10 -9.14 13.14
C HIS A 389 -19.60 -8.84 13.20
N TYR A 390 -20.34 -9.77 13.76
CA TYR A 390 -21.80 -9.78 13.69
C TYR A 390 -22.33 -9.88 15.12
N ASN A 391 -23.15 -8.91 15.51
CA ASN A 391 -23.70 -8.86 16.86
C ASN A 391 -25.22 -8.91 16.78
N PHE A 392 -25.83 -9.76 17.61
CA PHE A 392 -27.28 -9.97 17.61
C PHE A 392 -27.78 -9.81 19.03
N PRO A 393 -27.99 -8.57 19.49
CA PRO A 393 -28.46 -8.36 20.87
C PRO A 393 -29.93 -8.70 20.99
N ALA A 394 -30.32 -9.03 22.22
CA ALA A 394 -31.70 -9.47 22.46
C ALA A 394 -32.71 -8.35 22.23
N TYR A 395 -32.30 -7.08 22.34
CA TYR A 395 -33.28 -6.02 22.09
C TYR A 395 -33.71 -5.94 20.64
N SER A 396 -32.97 -6.59 19.71
CA SER A 396 -33.36 -6.61 18.31
C SER A 396 -34.67 -7.37 18.09
N VAL A 397 -35.02 -8.29 18.97
CA VAL A 397 -36.32 -8.94 18.90
C VAL A 397 -37.19 -8.56 20.09
N GLY A 398 -36.86 -7.43 20.73
CA GLY A 398 -37.65 -6.93 21.84
C GLY A 398 -37.57 -7.78 23.08
N GLU A 399 -36.42 -8.42 23.32
CA GLU A 399 -36.27 -9.33 24.44
C GLU A 399 -35.13 -8.91 25.36
N THR A 400 -35.14 -9.47 26.56
CA THR A 400 -33.99 -9.45 27.43
C THR A 400 -33.14 -10.70 27.18
N GLY A 401 -31.86 -10.59 27.47
CA GLY A 401 -30.95 -11.72 27.36
C GLY A 401 -29.71 -11.47 28.18
N ARG A 402 -29.07 -12.57 28.59
CA ARG A 402 -27.85 -12.46 29.37
C ARG A 402 -26.69 -12.02 28.48
N GLU A 403 -25.68 -11.42 29.10
CA GLU A 403 -24.50 -10.94 28.39
C GLU A 403 -23.46 -12.06 28.30
N SER A 404 -22.91 -12.26 27.10
CA SER A 404 -21.95 -13.33 26.87
C SER A 404 -21.03 -12.94 25.71
N GLY A 405 -20.17 -13.87 25.32
CA GLY A 405 -19.30 -13.67 24.18
C GLY A 405 -20.01 -14.04 22.89
N PRO A 406 -19.27 -14.00 21.78
CA PRO A 406 -19.86 -14.33 20.47
C PRO A 406 -20.42 -15.75 20.45
N LYS A 407 -21.69 -15.87 20.05
CA LYS A 407 -22.35 -17.16 19.99
C LYS A 407 -22.02 -17.89 18.69
N ARG A 408 -22.26 -19.22 18.70
CA ARG A 408 -21.99 -20.04 17.51
C ARG A 408 -22.77 -19.54 16.31
N ARG A 409 -24.02 -19.12 16.53
CA ARG A 409 -24.85 -18.61 15.45
C ARG A 409 -24.37 -17.24 14.99
N GLU A 410 -23.93 -16.40 15.93
CA GLU A 410 -23.37 -15.10 15.57
C GLU A 410 -22.12 -15.28 14.71
N ILE A 411 -21.29 -16.25 15.07
CA ILE A 411 -20.08 -16.49 14.32
C ILE A 411 -20.41 -16.99 12.92
N GLY A 412 -21.40 -17.88 12.83
CA GLY A 412 -21.81 -18.40 11.53
C GLY A 412 -22.41 -17.32 10.63
N HIS A 413 -23.31 -16.50 11.17
CA HIS A 413 -23.95 -15.48 10.34
C HIS A 413 -22.95 -14.45 9.86
N GLY A 414 -22.00 -14.05 10.71
CA GLY A 414 -20.98 -13.12 10.27
C GLY A 414 -20.13 -13.70 9.16
N ARG A 415 -19.75 -14.97 9.30
CA ARG A 415 -18.92 -15.63 8.29
C ARG A 415 -19.67 -15.76 6.96
N LEU A 416 -20.98 -16.03 6.99
CA LEU A 416 -21.74 -16.08 5.75
C LEU A 416 -21.82 -14.70 5.09
N ALA A 417 -22.08 -13.65 5.88
CA ALA A 417 -22.09 -12.31 5.32
C ALA A 417 -20.71 -11.94 4.79
N ARG A 418 -19.66 -12.36 5.49
CA ARG A 418 -18.31 -12.17 4.96
C ARG A 418 -18.14 -12.88 3.61
N ARG A 419 -18.68 -14.09 3.48
CA ARG A 419 -18.60 -14.79 2.20
C ARG A 419 -19.32 -14.00 1.11
N GLY A 420 -20.43 -13.34 1.44
CA GLY A 420 -21.17 -12.56 0.46
C GLY A 420 -20.45 -11.31 0.00
N VAL A 421 -19.45 -10.85 0.74
CA VAL A 421 -18.76 -9.62 0.41
C VAL A 421 -17.37 -9.90 -0.18
N GLN A 422 -16.80 -11.07 0.09
CA GLN A 422 -15.38 -11.35 -0.15
C GLN A 422 -14.97 -11.09 -1.59
N ALA A 423 -15.75 -11.62 -2.56
CA ALA A 423 -15.30 -11.59 -3.95
C ALA A 423 -15.18 -10.17 -4.50
N VAL A 424 -15.92 -9.19 -3.97
CA VAL A 424 -15.88 -7.85 -4.54
C VAL A 424 -14.94 -6.93 -3.79
N LEU A 425 -14.24 -7.43 -2.77
CA LEU A 425 -13.28 -6.59 -2.07
C LEU A 425 -12.08 -6.29 -2.97
N PRO A 426 -11.50 -5.10 -2.86
CA PRO A 426 -10.29 -4.79 -3.64
C PRO A 426 -9.11 -5.60 -3.15
N ALA A 427 -8.21 -5.91 -4.08
CA ALA A 427 -6.97 -6.59 -3.73
C ALA A 427 -6.13 -5.70 -2.82
N ALA A 428 -5.42 -6.33 -1.87
CA ALA A 428 -4.66 -5.60 -0.86
C ALA A 428 -3.59 -4.70 -1.49
N ASP A 429 -2.94 -5.16 -2.57
CA ASP A 429 -1.91 -4.34 -3.20
C ASP A 429 -2.49 -3.13 -3.93
N ARG A 430 -3.81 -3.08 -4.13
CA ARG A 430 -4.44 -1.91 -4.71
C ARG A 430 -5.16 -1.06 -3.68
N PHE A 431 -5.50 -1.63 -2.52
CA PHE A 431 -6.16 -0.90 -1.44
C PHE A 431 -5.56 -1.39 -0.14
N PRO A 432 -4.45 -0.77 0.30
CA PRO A 432 -3.61 -1.34 1.37
C PRO A 432 -4.08 -0.99 2.77
N TYR A 433 -5.34 -1.27 3.07
CA TYR A 433 -5.87 -0.98 4.39
C TYR A 433 -6.41 -2.27 5.00
N VAL A 434 -6.30 -2.37 6.32
CA VAL A 434 -7.09 -3.33 7.06
C VAL A 434 -8.53 -2.84 7.09
N ILE A 435 -9.48 -3.75 6.89
CA ILE A 435 -10.89 -3.43 6.84
C ILE A 435 -11.61 -4.24 7.90
N ARG A 436 -12.29 -3.57 8.82
CA ARG A 436 -13.16 -4.26 9.77
C ARG A 436 -14.60 -3.78 9.57
N ILE A 437 -15.49 -4.73 9.30
CA ILE A 437 -16.91 -4.44 9.20
C ILE A 437 -17.59 -4.99 10.44
N VAL A 438 -18.49 -4.20 11.01
CA VAL A 438 -19.31 -4.62 12.14
C VAL A 438 -20.76 -4.50 11.71
N SER A 439 -21.53 -5.55 11.92
CA SER A 439 -22.96 -5.49 11.67
C SER A 439 -23.65 -5.60 13.02
N ASP A 440 -24.28 -4.51 13.44
CA ASP A 440 -25.10 -4.51 14.66
C ASP A 440 -26.55 -4.66 14.22
N ILE A 441 -27.12 -5.83 14.51
CA ILE A 441 -28.53 -6.09 14.22
C ILE A 441 -29.37 -5.28 15.21
N THR A 442 -30.12 -4.29 14.70
CA THR A 442 -30.94 -3.45 15.56
C THR A 442 -32.39 -3.88 15.57
N GLU A 443 -32.79 -4.72 14.61
CA GLU A 443 -34.13 -5.26 14.49
C GLU A 443 -33.98 -6.57 13.76
N SER A 444 -34.73 -7.59 14.17
CA SER A 444 -34.66 -8.87 13.48
C SER A 444 -36.05 -9.42 13.23
N ASN A 445 -36.32 -9.79 11.98
CA ASN A 445 -37.52 -10.56 11.64
C ASN A 445 -37.32 -11.31 10.34
N GLY A 446 -36.19 -12.00 10.21
CA GLY A 446 -35.93 -12.71 8.98
C GLY A 446 -34.62 -12.32 8.34
N SER A 447 -33.68 -13.26 8.33
CA SER A 447 -32.27 -13.08 7.99
C SER A 447 -31.70 -11.68 8.15
N SER A 448 -31.22 -11.42 9.34
CA SER A 448 -30.30 -10.33 9.57
C SER A 448 -28.97 -10.54 8.84
N SER A 449 -28.61 -11.79 8.52
CA SER A 449 -27.33 -12.02 7.89
C SER A 449 -27.32 -11.46 6.47
N MET A 450 -28.46 -11.53 5.76
CA MET A 450 -28.51 -10.94 4.43
C MET A 450 -28.64 -9.42 4.51
N ALA A 451 -29.35 -8.92 5.53
CA ALA A 451 -29.29 -7.49 5.81
C ALA A 451 -27.85 -7.03 6.03
N SER A 452 -27.04 -7.88 6.67
CA SER A 452 -25.64 -7.53 6.93
C SER A 452 -24.84 -7.43 5.65
N VAL A 453 -25.11 -8.31 4.68
CA VAL A 453 -24.42 -8.23 3.39
C VAL A 453 -24.68 -6.87 2.75
N CYS A 454 -25.96 -6.48 2.65
CA CYS A 454 -26.33 -5.22 2.02
C CYS A 454 -25.69 -4.04 2.75
N GLY A 455 -25.80 -4.04 4.09
CA GLY A 455 -25.23 -2.95 4.87
C GLY A 455 -23.72 -2.89 4.80
N ALA A 456 -23.05 -4.04 4.71
CA ALA A 456 -21.60 -4.05 4.50
C ALA A 456 -21.23 -3.45 3.14
N SER A 457 -21.96 -3.85 2.10
CA SER A 457 -21.74 -3.26 0.78
C SER A 457 -21.90 -1.74 0.82
N LEU A 458 -22.99 -1.27 1.45
CA LEU A 458 -23.26 0.17 1.51
C LEU A 458 -22.19 0.90 2.29
N SER A 459 -21.85 0.38 3.48
CA SER A 459 -20.90 1.07 4.34
C SER A 459 -19.49 1.06 3.76
N LEU A 460 -19.13 0.00 3.04
CA LEU A 460 -17.84 -0.03 2.35
C LEU A 460 -17.73 1.12 1.35
N MET A 461 -18.75 1.29 0.52
CA MET A 461 -18.73 2.39 -0.44
C MET A 461 -18.75 3.74 0.27
N ASP A 462 -19.50 3.83 1.38
CA ASP A 462 -19.54 5.09 2.13
C ASP A 462 -18.16 5.46 2.67
N ALA A 463 -17.36 4.46 3.05
CA ALA A 463 -16.01 4.70 3.51
C ALA A 463 -15.03 4.98 2.37
N GLY A 464 -15.45 4.78 1.12
CA GLY A 464 -14.55 4.98 0.00
C GLY A 464 -13.81 3.73 -0.42
N VAL A 465 -14.26 2.57 0.01
CA VAL A 465 -13.60 1.33 -0.37
C VAL A 465 -14.06 0.96 -1.78
N PRO A 466 -13.17 0.99 -2.78
CA PRO A 466 -13.62 0.67 -4.15
C PRO A 466 -13.97 -0.80 -4.27
N LEU A 467 -15.24 -1.10 -4.55
CA LEU A 467 -15.71 -2.46 -4.74
C LEU A 467 -15.76 -2.81 -6.22
N LYS A 468 -15.60 -4.09 -6.51
CA LYS A 468 -15.78 -4.60 -7.86
C LYS A 468 -17.20 -4.34 -8.35
N ALA A 469 -18.17 -4.47 -7.46
CA ALA A 469 -19.59 -4.23 -7.70
C ALA A 469 -20.30 -4.26 -6.36
N PRO A 470 -21.45 -3.61 -6.24
CA PRO A 470 -22.24 -3.77 -5.01
C PRO A 470 -22.86 -5.16 -4.92
N VAL A 471 -23.09 -5.62 -3.69
CA VAL A 471 -23.67 -6.94 -3.46
C VAL A 471 -24.85 -6.81 -2.49
N ALA A 472 -25.81 -7.72 -2.65
CA ALA A 472 -26.98 -7.76 -1.80
C ALA A 472 -27.31 -9.22 -1.47
N GLY A 473 -28.19 -9.41 -0.49
CA GLY A 473 -28.58 -10.75 -0.08
C GLY A 473 -30.07 -10.84 0.15
N ILE A 474 -30.56 -12.06 0.06
CA ILE A 474 -31.97 -12.35 0.29
C ILE A 474 -32.06 -13.74 0.90
N ALA A 475 -33.01 -13.89 1.82
CA ALA A 475 -33.25 -15.17 2.48
C ALA A 475 -34.57 -15.73 1.99
N MET A 476 -34.55 -17.00 1.59
CA MET A 476 -35.67 -17.64 0.94
C MET A 476 -36.15 -18.86 1.72
N GLY A 477 -37.40 -19.23 1.44
CA GLY A 477 -38.01 -20.38 2.07
C GLY A 477 -38.75 -21.21 1.05
N LEU A 478 -38.91 -22.48 1.37
CA LEU A 478 -39.67 -23.38 0.52
C LEU A 478 -40.57 -24.25 1.38
N VAL A 479 -41.86 -24.25 1.06
CA VAL A 479 -42.83 -25.14 1.70
C VAL A 479 -43.30 -26.14 0.65
N LYS A 480 -43.27 -27.41 1.00
CA LYS A 480 -43.59 -28.49 0.08
C LYS A 480 -44.46 -29.53 0.76
N GLU A 481 -45.50 -29.98 0.04
CA GLU A 481 -46.38 -31.06 0.49
C GLU A 481 -46.68 -31.94 -0.71
N GLY A 482 -46.08 -33.11 -0.75
CA GLY A 482 -46.25 -33.99 -1.89
C GLY A 482 -45.67 -33.31 -3.11
N GLU A 483 -46.52 -33.04 -4.10
CA GLU A 483 -46.12 -32.39 -5.34
C GLU A 483 -46.47 -30.90 -5.35
N ARG A 484 -47.14 -30.41 -4.31
CA ARG A 484 -47.46 -29.01 -4.19
C ARG A 484 -46.30 -28.31 -3.48
N PHE A 485 -45.85 -27.18 -4.03
CA PHE A 485 -44.78 -26.44 -3.37
C PHE A 485 -44.87 -24.96 -3.73
N ALA A 486 -44.31 -24.13 -2.83
CA ALA A 486 -44.23 -22.69 -3.03
C ALA A 486 -42.88 -22.21 -2.53
N VAL A 487 -42.26 -21.32 -3.28
CA VAL A 487 -41.01 -20.68 -2.89
C VAL A 487 -41.34 -19.29 -2.37
N LEU A 488 -40.80 -18.96 -1.19
CA LEU A 488 -41.09 -17.71 -0.51
C LEU A 488 -39.89 -16.79 -0.58
N SER A 489 -40.12 -15.56 -1.07
CA SER A 489 -39.07 -14.55 -1.12
C SER A 489 -39.06 -13.76 0.17
N ASP A 490 -37.85 -13.50 0.69
CA ASP A 490 -37.66 -12.61 1.84
C ASP A 490 -38.54 -13.03 3.02
N ILE A 491 -38.19 -14.19 3.59
CA ILE A 491 -39.07 -14.83 4.55
C ILE A 491 -39.07 -14.11 5.88
N LEU A 492 -40.23 -14.14 6.54
CA LEU A 492 -40.41 -13.63 7.89
C LEU A 492 -39.77 -14.57 8.91
N GLY A 493 -39.61 -14.05 10.14
CA GLY A 493 -39.15 -14.90 11.23
C GLY A 493 -40.02 -16.13 11.37
N ASP A 494 -41.34 -15.94 11.26
CA ASP A 494 -42.26 -17.05 11.38
C ASP A 494 -42.18 -18.02 10.19
N GLU A 495 -41.86 -17.54 8.99
CA GLU A 495 -41.81 -18.50 7.90
C GLU A 495 -40.52 -19.31 7.93
N ASP A 496 -39.51 -18.83 8.66
CA ASP A 496 -38.27 -19.56 8.80
C ASP A 496 -38.49 -20.80 9.66
N HIS A 497 -39.42 -20.73 10.62
CA HIS A 497 -39.64 -21.83 11.56
C HIS A 497 -40.55 -22.91 10.99
N LEU A 498 -41.24 -22.64 9.86
CA LEU A 498 -42.13 -23.61 9.21
C LEU A 498 -41.68 -24.06 7.83
N GLY A 499 -40.55 -23.58 7.35
CA GLY A 499 -40.13 -24.00 6.05
C GLY A 499 -39.45 -25.35 6.08
N ASP A 500 -39.56 -26.04 4.95
CA ASP A 500 -38.90 -27.33 4.76
C ASP A 500 -37.52 -27.17 4.13
N MET A 501 -37.30 -26.03 3.50
CA MET A 501 -36.02 -25.65 2.93
C MET A 501 -35.84 -24.17 3.20
N ASP A 502 -34.68 -23.80 3.71
CA ASP A 502 -34.33 -22.41 3.89
C ASP A 502 -33.01 -22.17 3.15
N PHE A 503 -32.94 -21.08 2.38
CA PHE A 503 -31.70 -20.88 1.63
C PHE A 503 -31.46 -19.40 1.42
N LYS A 504 -30.18 -19.04 1.36
CA LYS A 504 -29.77 -17.65 1.30
C LYS A 504 -28.78 -17.47 0.17
N VAL A 505 -28.99 -16.43 -0.61
CA VAL A 505 -28.15 -16.11 -1.76
C VAL A 505 -27.71 -14.67 -1.61
N ALA A 506 -26.42 -14.45 -1.78
CA ALA A 506 -25.86 -13.11 -1.84
C ALA A 506 -25.08 -12.99 -3.14
N GLY A 507 -25.09 -11.79 -3.71
CA GLY A 507 -24.36 -11.61 -4.95
C GLY A 507 -24.47 -10.21 -5.49
N SER A 508 -23.72 -10.01 -6.57
CA SER A 508 -23.68 -8.79 -7.36
C SER A 508 -24.68 -8.95 -8.51
N ALA A 509 -24.73 -7.96 -9.40
CA ALA A 509 -25.49 -8.13 -10.63
C ALA A 509 -24.86 -9.18 -11.54
N ASN A 510 -23.57 -9.44 -11.38
CA ASN A 510 -22.87 -10.38 -12.26
C ASN A 510 -23.06 -11.83 -11.81
N GLY A 511 -23.32 -12.08 -10.54
CA GLY A 511 -23.47 -13.46 -10.11
C GLY A 511 -23.41 -13.60 -8.60
N ILE A 512 -23.50 -14.86 -8.19
CA ILE A 512 -23.65 -15.23 -6.79
C ILE A 512 -22.28 -15.16 -6.10
N THR A 513 -22.25 -14.56 -4.91
CA THR A 513 -21.03 -14.57 -4.11
C THR A 513 -21.09 -15.50 -2.90
N ALA A 514 -22.27 -15.88 -2.45
CA ALA A 514 -22.41 -16.84 -1.36
C ALA A 514 -23.77 -17.50 -1.45
N LEU A 515 -23.81 -18.81 -1.20
CA LEU A 515 -25.04 -19.59 -1.24
C LEU A 515 -25.08 -20.52 -0.04
N GLN A 516 -26.13 -20.42 0.75
CA GLN A 516 -26.30 -21.28 1.92
C GLN A 516 -27.66 -21.96 1.84
N MET A 517 -27.71 -23.25 2.15
CA MET A 517 -28.94 -24.02 2.12
C MET A 517 -29.04 -24.95 3.32
N ASP A 518 -30.27 -25.18 3.77
CA ASP A 518 -30.57 -26.16 4.81
C ASP A 518 -31.91 -26.83 4.45
N ILE A 519 -31.87 -28.12 4.11
CA ILE A 519 -33.03 -28.84 3.60
C ILE A 519 -33.40 -29.96 4.55
N LYS A 520 -34.66 -30.01 4.94
CA LYS A 520 -35.16 -30.93 5.95
C LYS A 520 -35.98 -32.07 5.37
N ILE A 521 -36.21 -32.10 4.05
CA ILE A 521 -37.21 -32.98 3.46
C ILE A 521 -36.69 -33.67 2.21
N GLU A 522 -37.45 -34.66 1.77
CA GLU A 522 -37.17 -35.44 0.58
C GLU A 522 -37.78 -34.78 -0.65
N GLY A 523 -37.16 -35.04 -1.80
CA GLY A 523 -37.81 -34.76 -3.06
C GLY A 523 -37.62 -33.38 -3.62
N ILE A 524 -36.68 -32.59 -3.12
CA ILE A 524 -36.41 -31.29 -3.71
C ILE A 524 -35.51 -31.52 -4.92
N THR A 525 -36.12 -31.53 -6.11
CA THR A 525 -35.38 -31.92 -7.29
C THR A 525 -34.46 -30.79 -7.76
N GLU A 526 -33.60 -31.14 -8.71
CA GLU A 526 -32.80 -30.13 -9.39
C GLU A 526 -33.70 -29.08 -10.03
N GLU A 527 -34.78 -29.53 -10.69
CA GLU A 527 -35.69 -28.59 -11.34
C GLU A 527 -36.32 -27.65 -10.32
N ILE A 528 -36.64 -28.16 -9.13
CA ILE A 528 -37.24 -27.33 -8.08
C ILE A 528 -36.23 -26.30 -7.56
N MET A 529 -35.01 -26.75 -7.26
CA MET A 529 -33.98 -25.83 -6.79
C MET A 529 -33.67 -24.77 -7.84
N GLU A 530 -33.78 -25.14 -9.11
CA GLU A 530 -33.57 -24.20 -10.21
C GLU A 530 -34.60 -23.07 -10.19
N VAL A 531 -35.88 -23.40 -9.95
CA VAL A 531 -36.91 -22.39 -9.81
C VAL A 531 -36.68 -21.53 -8.57
N ALA A 532 -36.27 -22.16 -7.47
CA ALA A 532 -36.07 -21.42 -6.23
C ALA A 532 -34.93 -20.40 -6.37
N LEU A 533 -33.84 -20.78 -7.02
CA LEU A 533 -32.73 -19.85 -7.20
C LEU A 533 -33.10 -18.73 -8.18
N ASN A 534 -33.87 -19.04 -9.23
CA ASN A 534 -34.27 -18.00 -10.18
C ASN A 534 -35.15 -16.97 -9.51
N GLN A 535 -36.08 -17.42 -8.64
CA GLN A 535 -36.87 -16.48 -7.86
C GLN A 535 -35.99 -15.64 -6.95
N ALA A 536 -34.95 -16.25 -6.36
CA ALA A 536 -34.08 -15.48 -5.47
C ALA A 536 -33.26 -14.45 -6.25
N PHE A 537 -32.93 -14.74 -7.50
CA PHE A 537 -32.19 -13.79 -8.31
C PHE A 537 -32.96 -12.50 -8.51
N ALA A 538 -34.26 -12.60 -8.82
CA ALA A 538 -35.09 -11.40 -8.96
C ALA A 538 -35.13 -10.61 -7.65
N GLY A 539 -35.26 -11.31 -6.52
CA GLY A 539 -35.31 -10.61 -5.25
C GLY A 539 -34.03 -9.86 -4.93
N ARG A 540 -32.89 -10.51 -5.14
CA ARG A 540 -31.61 -9.83 -4.89
C ARG A 540 -31.41 -8.65 -5.84
N MET A 541 -31.84 -8.78 -7.09
CA MET A 541 -31.74 -7.67 -8.03
C MET A 541 -32.64 -6.50 -7.63
N HIS A 542 -33.83 -6.80 -7.09
CA HIS A 542 -34.72 -5.75 -6.61
C HIS A 542 -34.09 -4.99 -5.44
N ILE A 543 -33.48 -5.72 -4.51
CA ILE A 543 -32.83 -5.10 -3.36
C ILE A 543 -31.63 -4.28 -3.81
N LEU A 544 -30.81 -4.84 -4.71
CA LEU A 544 -29.66 -4.14 -5.24
C LEU A 544 -30.08 -2.85 -5.94
N ASN A 545 -31.21 -2.89 -6.66
CA ASN A 545 -31.67 -1.71 -7.38
C ASN A 545 -32.05 -0.59 -6.41
N GLU A 546 -32.71 -0.94 -5.30
CA GLU A 546 -33.02 0.07 -4.29
C GLU A 546 -31.75 0.62 -3.64
N MET A 547 -30.75 -0.23 -3.43
CA MET A 547 -29.48 0.24 -2.84
C MET A 547 -28.79 1.24 -3.76
N ASN A 548 -28.79 0.97 -5.07
CA ASN A 548 -28.09 1.83 -6.00
C ASN A 548 -28.71 3.22 -6.11
N LYS A 549 -30.00 3.38 -5.78
CA LYS A 549 -30.56 4.73 -5.74
C LYS A 549 -29.88 5.63 -4.73
N VAL A 550 -29.26 5.06 -3.69
CA VAL A 550 -28.60 5.85 -2.66
C VAL A 550 -27.11 5.99 -2.92
N ILE A 551 -26.45 4.89 -3.23
CA ILE A 551 -25.02 4.94 -3.56
C ILE A 551 -24.71 3.69 -4.37
N SER A 552 -24.07 3.88 -5.52
CA SER A 552 -23.76 2.78 -6.42
C SER A 552 -22.28 2.54 -6.63
N ARG A 553 -21.43 3.46 -6.16
CA ARG A 553 -19.98 3.34 -6.25
C ARG A 553 -19.37 3.86 -4.96
N ALA A 554 -18.12 3.49 -4.72
CA ALA A 554 -17.39 4.04 -3.58
C ALA A 554 -17.19 5.53 -3.76
N ARG A 555 -17.25 6.26 -2.65
CA ARG A 555 -16.90 7.67 -2.69
C ARG A 555 -15.49 7.82 -3.27
N PRO A 556 -15.22 8.90 -3.99
CA PRO A 556 -13.89 9.06 -4.58
C PRO A 556 -12.77 9.13 -3.55
N GLU A 557 -13.05 9.58 -2.33
CA GLU A 557 -12.04 9.63 -1.28
C GLU A 557 -12.48 8.78 -0.10
N ILE A 558 -11.49 8.27 0.64
CA ILE A 558 -11.79 7.57 1.89
C ILE A 558 -12.18 8.60 2.93
N SER A 559 -12.68 8.13 4.07
CA SER A 559 -13.17 9.04 5.09
C SER A 559 -12.08 10.01 5.51
N MET A 560 -12.51 11.25 5.74
CA MET A 560 -11.63 12.29 6.23
C MET A 560 -11.00 11.91 7.57
N HIS A 561 -11.67 11.06 8.34
CA HIS A 561 -11.19 10.58 9.64
C HIS A 561 -10.36 9.29 9.54
N ALA A 562 -10.24 8.71 8.37
CA ALA A 562 -9.44 7.51 8.22
C ALA A 562 -7.95 7.85 8.23
N PRO A 563 -7.11 6.96 8.76
CA PRO A 563 -5.66 7.22 8.73
C PRO A 563 -5.13 7.20 7.31
N THR A 564 -4.38 8.23 6.96
CA THR A 564 -3.86 8.39 5.61
C THR A 564 -2.66 7.48 5.38
N PHE A 565 -2.44 7.12 4.12
CA PHE A 565 -1.36 6.22 3.70
C PHE A 565 -0.43 7.05 2.81
N GLU A 566 0.69 7.51 3.37
CA GLU A 566 1.57 8.45 2.67
C GLU A 566 2.97 7.89 2.50
N VAL A 567 3.67 8.36 1.46
CA VAL A 567 5.02 7.87 1.18
C VAL A 567 6.00 8.32 2.25
N ILE A 568 5.76 9.48 2.85
CA ILE A 568 6.60 10.01 3.93
C ILE A 568 5.70 10.32 5.11
N THR A 569 5.95 9.63 6.24
CA THR A 569 5.29 9.89 7.51
C THR A 569 6.34 10.30 8.53
N ILE A 570 6.06 11.37 9.27
CA ILE A 570 6.97 11.89 10.30
C ILE A 570 6.28 11.77 11.66
N ASN A 571 6.96 11.11 12.60
CA ASN A 571 6.44 10.94 13.96
C ASN A 571 7.17 11.86 14.91
N PRO A 572 6.48 12.85 15.52
CA PRO A 572 7.06 13.77 16.51
C PRO A 572 7.50 13.10 17.81
N SER B 10 29.85 46.01 29.73
CA SER B 10 29.86 44.73 29.02
C SER B 10 31.14 44.54 28.23
N MET B 11 31.65 43.31 28.22
CA MET B 11 32.86 43.01 27.48
C MET B 11 32.64 42.86 25.99
N PHE B 12 31.40 42.87 25.51
CA PHE B 12 31.12 42.69 24.09
C PHE B 12 30.74 44.02 23.44
N ASN B 13 31.14 44.15 22.18
CA ASN B 13 30.68 45.22 21.31
C ASN B 13 29.79 44.56 20.25
N ILE B 14 28.50 44.46 20.56
CA ILE B 14 27.56 43.69 19.76
C ILE B 14 27.04 44.55 18.63
N VAL B 15 27.02 43.99 17.41
CA VAL B 15 26.44 44.64 16.24
C VAL B 15 25.24 43.82 15.79
N ARG B 16 24.08 44.47 15.66
CA ARG B 16 22.84 43.80 15.29
CA ARG B 16 22.84 43.81 15.30
C ARG B 16 22.21 44.47 14.08
N LYS B 17 21.43 43.67 13.35
CA LYS B 17 20.69 44.12 12.18
C LYS B 17 19.38 43.33 12.16
N GLU B 18 18.26 44.03 12.31
CA GLU B 18 16.94 43.42 12.27
C GLU B 18 16.23 43.83 10.99
N PHE B 19 15.55 42.87 10.37
CA PHE B 19 14.72 43.21 9.21
C PHE B 19 13.63 42.17 9.04
N GLN B 20 12.60 42.53 8.29
CA GLN B 20 11.51 41.62 7.96
C GLN B 20 11.78 41.03 6.59
N PHE B 21 11.83 39.70 6.52
CA PHE B 21 12.10 38.98 5.28
C PHE B 21 10.83 38.19 5.00
N GLY B 22 9.95 38.76 4.19
CA GLY B 22 8.66 38.13 3.95
C GLY B 22 7.88 38.01 5.25
N GLN B 23 7.51 36.78 5.58
CA GLN B 23 6.70 36.49 6.76
C GLN B 23 7.54 36.26 8.00
N HIS B 24 8.87 36.33 7.89
CA HIS B 24 9.79 35.99 8.96
C HIS B 24 10.64 37.20 9.38
N GLN B 25 10.79 37.37 10.69
CA GLN B 25 11.76 38.31 11.22
C GLN B 25 13.15 37.70 11.21
N VAL B 26 14.16 38.49 10.83
CA VAL B 26 15.54 38.04 10.75
C VAL B 26 16.40 38.95 11.60
N VAL B 27 17.26 38.37 12.44
CA VAL B 27 18.21 39.12 13.25
C VAL B 27 19.62 38.62 12.97
N LEU B 28 20.50 39.55 12.65
CA LEU B 28 21.91 39.26 12.41
C LEU B 28 22.70 39.85 13.57
N GLU B 29 23.46 39.01 14.26
CA GLU B 29 24.23 39.43 15.43
C GLU B 29 25.65 38.90 15.36
N THR B 30 26.60 39.77 15.70
CA THR B 30 28.00 39.41 15.84
C THR B 30 28.61 40.22 16.96
N GLY B 31 29.73 39.72 17.48
CA GLY B 31 30.45 40.38 18.53
C GLY B 31 30.28 39.76 19.90
N ARG B 32 29.29 38.87 20.08
CA ARG B 32 29.15 38.20 21.37
C ARG B 32 29.63 36.76 21.35
N VAL B 33 29.22 35.97 20.37
CA VAL B 33 29.50 34.54 20.33
C VAL B 33 30.60 34.27 19.30
N ALA B 34 31.63 33.54 19.73
CA ALA B 34 32.70 33.04 18.84
C ALA B 34 33.49 34.18 18.20
N ARG B 35 34.05 35.05 19.05
CA ARG B 35 34.76 36.23 18.59
C ARG B 35 36.09 35.92 17.91
N GLN B 36 36.63 34.72 18.10
CA GLN B 36 37.91 34.39 17.50
C GLN B 36 37.80 33.93 16.07
N ALA B 37 36.58 33.78 15.56
CA ALA B 37 36.32 33.55 14.16
C ALA B 37 35.50 34.75 13.64
N ASN B 38 35.02 34.65 12.40
CA ASN B 38 34.10 35.64 11.85
C ASN B 38 32.71 35.00 11.90
N THR B 39 31.92 35.40 12.90
CA THR B 39 30.78 34.58 13.32
C THR B 39 29.52 35.42 13.42
N VAL B 40 28.46 34.93 12.77
CA VAL B 40 27.15 35.56 12.82
C VAL B 40 26.18 34.57 13.45
N LEU B 41 25.42 35.03 14.44
CA LEU B 41 24.30 34.29 14.98
C LEU B 41 23.05 34.88 14.35
N ILE B 42 22.34 34.08 13.57
CA ILE B 42 21.17 34.53 12.82
C ILE B 42 19.94 33.82 13.36
N THR B 43 18.89 34.59 13.62
CA THR B 43 17.57 34.07 13.91
CA THR B 43 17.57 34.05 13.91
C THR B 43 16.65 34.38 12.74
N MET B 44 15.95 33.36 12.24
CA MET B 44 14.97 33.52 11.18
C MET B 44 13.75 32.72 11.57
N GLY B 45 12.64 33.39 11.82
CA GLY B 45 11.47 32.73 12.39
C GLY B 45 11.84 31.91 13.61
N GLY B 46 11.51 30.63 13.61
CA GLY B 46 11.79 29.77 14.74
C GLY B 46 13.11 29.04 14.67
N VAL B 47 14.02 29.47 13.79
CA VAL B 47 15.27 28.78 13.53
C VAL B 47 16.44 29.70 13.88
N THR B 48 17.44 29.17 14.61
CA THR B 48 18.63 29.93 14.97
C THR B 48 19.87 29.14 14.56
N VAL B 49 20.79 29.81 13.87
CA VAL B 49 22.00 29.18 13.36
C VAL B 49 23.21 30.01 13.78
N LEU B 50 24.30 29.33 14.17
CA LEU B 50 25.58 29.96 14.47
C LEU B 50 26.48 29.61 13.30
N VAL B 51 26.88 30.61 12.53
CA VAL B 51 27.75 30.38 11.38
C VAL B 51 29.07 31.07 11.66
N ALA B 52 30.13 30.28 11.81
CA ALA B 52 31.49 30.78 11.97
C ALA B 52 32.27 30.56 10.68
N VAL B 53 32.97 31.60 10.23
CA VAL B 53 33.84 31.54 9.06
C VAL B 53 35.27 31.82 9.52
N VAL B 54 36.20 30.98 9.10
CA VAL B 54 37.61 31.20 9.35
C VAL B 54 38.30 31.32 7.99
N ALA B 55 39.04 32.40 7.81
CA ALA B 55 39.82 32.62 6.60
C ALA B 55 41.29 32.63 7.00
N ALA B 56 42.04 31.67 6.49
CA ALA B 56 43.47 31.60 6.76
C ALA B 56 44.15 32.90 6.34
N PRO B 57 45.11 33.40 7.13
CA PRO B 57 45.69 34.71 6.80
C PRO B 57 46.53 34.72 5.53
N THR B 58 47.12 33.59 5.14
CA THR B 58 47.94 33.52 3.94
C THR B 58 47.65 32.23 3.20
N ALA B 59 48.07 32.18 1.94
CA ALA B 59 47.93 30.98 1.14
C ALA B 59 49.06 30.00 1.43
N LYS B 60 48.77 28.72 1.27
CA LYS B 60 49.74 27.66 1.54
C LYS B 60 50.89 27.71 0.53
N ALA B 61 51.94 26.96 0.85
CA ALA B 61 53.19 27.04 0.08
C ALA B 61 52.96 26.73 -1.39
N GLY B 62 52.48 25.53 -1.70
CA GLY B 62 52.30 25.13 -3.08
C GLY B 62 50.85 25.07 -3.48
N GLN B 63 50.02 25.84 -2.79
CA GLN B 63 48.58 25.81 -3.04
C GLN B 63 48.27 26.40 -4.40
N ASP B 64 47.63 25.58 -5.26
CA ASP B 64 47.22 26.01 -6.58
C ASP B 64 45.72 25.88 -6.79
N PHE B 65 44.97 25.43 -5.79
CA PHE B 65 43.52 25.38 -5.86
C PHE B 65 42.95 26.03 -4.61
N PHE B 66 41.67 26.39 -4.69
CA PHE B 66 41.00 27.12 -3.64
C PHE B 66 40.44 26.14 -2.60
N PRO B 67 41.01 26.05 -1.41
CA PRO B 67 40.49 25.09 -0.43
C PRO B 67 39.35 25.70 0.37
N LEU B 68 38.12 25.32 0.04
CA LEU B 68 36.92 25.79 0.71
C LEU B 68 36.14 24.59 1.21
N THR B 69 35.74 24.60 2.49
CA THR B 69 34.91 23.55 3.04
C THR B 69 33.76 24.16 3.84
N VAL B 70 32.56 23.61 3.65
CA VAL B 70 31.38 24.01 4.39
C VAL B 70 30.86 22.82 5.17
N ASN B 71 30.72 22.97 6.50
CA ASN B 71 30.19 21.92 7.35
C ASN B 71 28.93 22.43 8.05
N TYR B 72 27.81 21.82 7.72
CA TYR B 72 26.51 22.18 8.26
C TYR B 72 26.04 21.09 9.20
N GLN B 73 25.55 21.47 10.37
CA GLN B 73 25.11 20.50 11.36
C GLN B 73 23.87 21.01 12.08
N GLU B 74 22.95 20.09 12.36
CA GLU B 74 21.77 20.36 13.18
C GLU B 74 21.96 19.66 14.52
N LYS B 75 22.14 20.44 15.59
CA LYS B 75 22.22 19.84 16.92
C LYS B 75 20.83 19.38 17.36
N GLN B 76 20.75 18.16 17.91
CA GLN B 76 19.47 17.65 18.39
C GLN B 76 18.94 18.47 19.55
N TYR B 77 19.82 19.08 20.35
CA TYR B 77 19.35 19.90 21.47
C TYR B 77 18.61 21.14 20.98
N ALA B 78 18.84 21.55 19.73
CA ALA B 78 18.14 22.70 19.16
C ALA B 78 16.64 22.56 19.29
N ALA B 79 16.14 21.33 19.19
CA ALA B 79 14.72 21.03 19.32
C ALA B 79 14.45 20.14 20.54
N GLY B 80 15.25 20.28 21.59
CA GLY B 80 15.00 19.54 22.81
C GLY B 80 15.05 18.03 22.67
N ARG B 81 15.88 17.51 21.77
CA ARG B 81 16.02 16.08 21.54
C ARG B 81 17.39 15.58 21.99
N ILE B 82 17.40 14.33 22.44
CA ILE B 82 18.64 13.61 22.72
C ILE B 82 18.92 12.71 21.52
N PRO B 83 20.12 12.75 20.94
CA PRO B 83 20.35 12.03 19.68
C PRO B 83 20.17 10.53 19.89
N GLY B 84 19.72 9.85 18.83
CA GLY B 84 19.33 8.47 18.95
C GLY B 84 20.41 7.43 18.73
N GLY B 85 20.65 6.61 19.75
CA GLY B 85 21.29 5.31 19.59
C GLY B 85 22.65 5.26 18.93
N TYR B 86 23.51 6.25 19.20
CA TYR B 86 24.88 6.23 18.69
C TYR B 86 25.85 6.63 19.79
N GLY B 87 25.68 6.05 20.98
CA GLY B 87 26.26 6.65 22.15
C GLY B 87 25.67 8.02 22.49
N LYS B 88 24.50 8.33 21.94
CA LYS B 88 23.80 9.61 22.10
C LYS B 88 24.60 10.80 21.56
N ARG B 89 25.44 10.58 20.56
CA ARG B 89 26.18 11.66 19.93
C ARG B 89 25.61 11.93 18.55
N GLU B 90 25.94 13.12 18.02
CA GLU B 90 25.42 13.53 16.72
C GLU B 90 25.91 12.59 15.62
N GLY B 91 27.15 12.14 15.72
CA GLY B 91 27.76 11.31 14.70
C GLY B 91 28.16 12.14 13.49
N ARG B 92 28.52 11.43 12.42
CA ARG B 92 28.92 12.11 11.19
C ARG B 92 27.72 12.81 10.56
N ALA B 93 28.01 13.69 9.61
CA ALA B 93 26.97 14.41 8.90
C ALA B 93 25.95 13.45 8.31
N SER B 94 24.67 13.71 8.53
CA SER B 94 23.63 12.95 7.86
C SER B 94 23.62 13.31 6.38
N GLU B 95 22.85 12.54 5.61
CA GLU B 95 22.73 12.87 4.19
C GLU B 95 22.03 14.20 3.99
N ALA B 96 21.01 14.50 4.81
CA ALA B 96 20.35 15.79 4.70
C ALA B 96 21.30 16.93 5.04
N GLU B 97 22.12 16.76 6.08
CA GLU B 97 23.09 17.80 6.43
C GLU B 97 24.12 18.00 5.33
N THR B 98 24.64 16.90 4.78
CA THR B 98 25.61 17.00 3.69
C THR B 98 25.02 17.77 2.50
N LEU B 99 23.76 17.49 2.16
CA LEU B 99 23.12 18.19 1.06
C LEU B 99 23.00 19.69 1.35
N ILE B 100 22.65 20.05 2.58
CA ILE B 100 22.54 21.47 2.91
C ILE B 100 23.92 22.13 2.90
N SER B 101 24.95 21.40 3.34
CA SER B 101 26.33 21.90 3.16
C SER B 101 26.59 22.25 1.71
N ARG B 102 26.13 21.40 0.81
CA ARG B 102 26.32 21.64 -0.61
C ARG B 102 25.53 22.83 -1.10
N LEU B 103 24.32 23.04 -0.56
CA LEU B 103 23.53 24.20 -0.96
C LEU B 103 24.24 25.49 -0.62
N ILE B 104 24.97 25.50 0.49
CA ILE B 104 25.76 26.67 0.90
C ILE B 104 27.01 26.79 0.04
N ASP B 105 27.70 25.67 -0.20
CA ASP B 105 28.97 25.69 -0.90
C ASP B 105 28.82 26.20 -2.34
N ARG B 106 27.84 25.67 -3.07
CA ARG B 106 27.70 25.96 -4.49
C ARG B 106 27.63 27.45 -4.82
N PRO B 107 26.84 28.29 -4.14
CA PRO B 107 26.81 29.71 -4.52
C PRO B 107 28.04 30.49 -4.12
N ILE B 108 28.72 30.13 -3.03
CA ILE B 108 29.81 31.00 -2.58
C ILE B 108 31.11 30.70 -3.32
N ARG B 109 31.33 29.45 -3.72
CA ARG B 109 32.62 29.04 -4.28
C ARG B 109 33.05 29.84 -5.52
N PRO B 110 32.20 30.10 -6.51
CA PRO B 110 32.66 30.90 -7.66
C PRO B 110 32.84 32.38 -7.35
N LEU B 111 32.40 32.86 -6.18
CA LEU B 111 32.47 34.28 -5.85
C LEU B 111 33.81 34.73 -5.28
N PHE B 112 34.78 33.82 -5.17
CA PHE B 112 36.14 34.16 -4.78
C PHE B 112 37.00 34.34 -6.02
N PRO B 113 37.89 35.33 -6.05
CA PRO B 113 38.65 35.63 -7.27
C PRO B 113 39.58 34.48 -7.68
N GLU B 114 39.82 34.41 -8.99
CA GLU B 114 40.86 33.52 -9.51
C GLU B 114 42.19 33.86 -8.86
N GLY B 115 42.91 32.84 -8.41
CA GLY B 115 44.18 33.08 -7.76
C GLY B 115 44.10 33.34 -6.28
N TYR B 116 42.92 33.27 -5.68
CA TYR B 116 42.77 33.39 -4.24
C TYR B 116 42.75 31.98 -3.67
N TYR B 117 43.86 31.59 -3.03
CA TYR B 117 44.08 30.23 -2.61
C TYR B 117 44.10 30.06 -1.10
N ASN B 118 43.67 31.08 -0.36
CA ASN B 118 43.60 30.97 1.10
C ASN B 118 42.53 29.97 1.49
N GLU B 119 42.80 29.22 2.57
CA GLU B 119 41.80 28.29 3.06
C GLU B 119 40.64 29.06 3.70
N ILE B 120 39.43 28.59 3.43
CA ILE B 120 38.19 29.14 3.97
C ILE B 120 37.38 27.97 4.52
N GLN B 121 36.90 28.09 5.76
CA GLN B 121 36.06 27.06 6.35
C GLN B 121 34.83 27.67 6.99
N VAL B 122 33.66 27.15 6.62
CA VAL B 122 32.37 27.57 7.14
C VAL B 122 31.85 26.48 8.05
N THR B 123 31.52 26.83 9.29
CA THR B 123 30.90 25.90 10.23
C THR B 123 29.54 26.47 10.58
N ALA B 124 28.48 25.84 10.07
CA ALA B 124 27.11 26.28 10.28
C ALA B 124 26.40 25.28 11.19
N THR B 125 25.93 25.75 12.33
CA THR B 125 25.37 24.89 13.37
C THR B 125 23.98 25.38 13.74
N VAL B 126 22.98 24.52 13.57
CA VAL B 126 21.64 24.86 14.02
C VAL B 126 21.57 24.67 15.53
N VAL B 127 21.32 25.76 16.25
CA VAL B 127 21.34 25.76 17.72
C VAL B 127 19.96 25.97 18.33
N SER B 128 18.94 26.22 17.51
CA SER B 128 17.58 26.29 18.02
C SER B 128 16.62 26.16 16.86
N SER B 129 15.59 25.33 17.03
CA SER B 129 14.56 25.19 16.00
C SER B 129 13.27 24.79 16.67
N ASP B 130 12.19 25.51 16.37
CA ASP B 130 10.86 25.12 16.81
C ASP B 130 10.17 24.18 15.82
N LYS B 131 10.93 23.59 14.89
CA LYS B 131 10.44 22.52 14.01
C LYS B 131 9.33 22.98 13.06
N THR B 132 9.26 24.26 12.72
CA THR B 132 8.25 24.68 11.75
C THR B 132 8.77 24.74 10.32
N MET B 133 10.09 24.87 10.12
CA MET B 133 10.60 25.01 8.76
C MET B 133 12.06 24.56 8.69
N GLU B 134 12.51 24.39 7.46
CA GLU B 134 13.88 24.05 7.18
C GLU B 134 14.81 25.20 7.55
N ALA B 135 15.99 24.87 8.05
CA ALA B 135 16.95 25.87 8.50
C ALA B 135 17.99 26.21 7.46
N ASP B 136 17.81 25.73 6.21
CA ASP B 136 18.85 25.91 5.20
C ASP B 136 18.96 27.36 4.75
N ILE B 137 17.82 28.04 4.54
CA ILE B 137 17.86 29.44 4.14
C ILE B 137 18.58 30.27 5.19
N ALA B 138 18.22 30.05 6.47
CA ALA B 138 18.88 30.76 7.57
C ALA B 138 20.37 30.50 7.57
N ALA B 139 20.79 29.24 7.36
CA ALA B 139 22.22 28.94 7.32
C ALA B 139 22.90 29.63 6.14
N MET B 140 22.20 29.72 5.00
CA MET B 140 22.78 30.37 3.84
C MET B 140 22.93 31.89 4.07
N LEU B 141 21.88 32.52 4.61
CA LEU B 141 21.98 33.94 4.94
C LEU B 141 23.05 34.20 6.00
N GLY B 142 23.16 33.30 6.99
CA GLY B 142 24.18 33.44 8.00
C GLY B 142 25.58 33.30 7.44
N THR B 143 25.78 32.35 6.52
CA THR B 143 27.07 32.24 5.86
C THR B 143 27.39 33.51 5.07
N SER B 144 26.38 34.06 4.39
CA SER B 144 26.55 35.30 3.64
C SER B 144 27.00 36.43 4.56
N ALA B 145 26.33 36.60 5.70
CA ALA B 145 26.69 37.68 6.61
C ALA B 145 28.07 37.47 7.23
N ALA B 146 28.40 36.22 7.58
CA ALA B 146 29.69 35.96 8.21
C ALA B 146 30.84 36.25 7.26
N LEU B 147 30.70 35.89 5.99
CA LEU B 147 31.73 36.22 5.01
C LEU B 147 31.81 37.72 4.78
N ALA B 148 30.68 38.42 4.87
CA ALA B 148 30.67 39.86 4.63
C ALA B 148 31.55 40.60 5.62
N ILE B 149 31.76 40.04 6.81
CA ILE B 149 32.57 40.70 7.82
C ILE B 149 33.96 40.08 7.95
N ALA B 150 34.32 39.12 7.09
CA ALA B 150 35.53 38.34 7.27
C ALA B 150 36.77 38.93 6.58
N GLY B 151 36.61 40.01 5.82
CA GLY B 151 37.77 40.67 5.24
C GLY B 151 38.43 39.99 4.06
N THR B 152 37.73 39.09 3.37
CA THR B 152 38.26 38.42 2.18
C THR B 152 37.78 39.12 0.92
N PRO B 153 38.38 38.81 -0.24
CA PRO B 153 37.89 39.40 -1.50
C PRO B 153 36.58 38.80 -2.02
N PHE B 154 35.87 38.06 -1.17
CA PHE B 154 34.57 37.51 -1.53
C PHE B 154 33.68 38.59 -2.14
N ARG B 155 33.08 38.27 -3.29
CA ARG B 155 32.25 39.21 -4.04
C ARG B 155 30.77 39.08 -3.68
N GLY B 156 30.47 39.11 -2.38
CA GLY B 156 29.11 39.05 -1.90
C GLY B 156 28.54 40.42 -1.67
N PRO B 157 27.49 40.51 -0.84
CA PRO B 157 26.83 39.40 -0.16
C PRO B 157 25.96 38.57 -1.08
N ILE B 158 25.54 37.38 -0.63
CA ILE B 158 24.54 36.61 -1.35
C ILE B 158 23.26 36.63 -0.53
N GLY B 159 22.15 36.35 -1.22
CA GLY B 159 20.88 36.08 -0.59
C GLY B 159 20.45 34.68 -0.97
N ALA B 160 19.43 34.19 -0.27
CA ALA B 160 18.88 32.89 -0.58
C ALA B 160 17.38 32.93 -0.32
N ALA B 161 16.66 32.04 -0.99
CA ALA B 161 15.22 31.99 -0.82
C ALA B 161 14.71 30.64 -1.29
N ARG B 162 13.70 30.14 -0.61
CA ARG B 162 12.92 29.02 -1.11
C ARG B 162 11.65 29.58 -1.73
N VAL B 163 11.29 29.05 -2.89
CA VAL B 163 10.07 29.46 -3.58
C VAL B 163 9.17 28.23 -3.67
N GLY B 164 7.96 28.34 -3.16
CA GLY B 164 6.93 27.35 -3.37
C GLY B 164 5.88 27.89 -4.34
N LEU B 165 4.98 27.00 -4.74
CA LEU B 165 3.86 27.36 -5.61
C LEU B 165 2.61 26.77 -4.99
N ILE B 166 1.77 27.63 -4.41
CA ILE B 166 0.52 27.23 -3.77
C ILE B 166 -0.60 27.98 -4.45
N ASN B 167 -1.58 27.24 -4.98
CA ASN B 167 -2.72 27.83 -5.70
C ASN B 167 -2.26 28.76 -6.81
N GLY B 168 -1.28 28.31 -7.58
CA GLY B 168 -0.78 29.06 -8.71
C GLY B 168 0.02 30.30 -8.40
N GLU B 169 0.41 30.51 -7.14
CA GLU B 169 1.11 31.72 -6.75
C GLU B 169 2.42 31.38 -6.06
N TYR B 170 3.46 32.16 -6.37
CA TYR B 170 4.74 31.96 -5.70
C TYR B 170 4.62 32.34 -4.23
N VAL B 171 5.30 31.58 -3.38
CA VAL B 171 5.34 31.81 -1.94
C VAL B 171 6.79 31.84 -1.49
N LEU B 172 7.15 32.89 -0.75
CA LEU B 172 8.52 33.09 -0.26
C LEU B 172 8.72 32.33 1.04
N ASN B 173 9.80 31.55 1.11
CA ASN B 173 10.26 30.82 2.29
C ASN B 173 9.11 30.12 3.04
N PRO B 174 8.40 29.20 2.39
CA PRO B 174 7.30 28.51 3.07
C PRO B 174 7.81 27.54 4.14
N ASN B 175 6.98 27.36 5.16
CA ASN B 175 7.24 26.43 6.25
C ASN B 175 6.72 25.04 5.88
N PHE B 176 6.90 24.07 6.79
CA PHE B 176 6.59 22.68 6.44
C PHE B 176 5.12 22.51 6.08
N GLU B 177 4.21 23.14 6.83
CA GLU B 177 2.78 22.91 6.56
C GLU B 177 2.36 23.60 5.26
N GLN B 178 2.92 24.77 4.95
CA GLN B 178 2.68 25.39 3.65
C GLN B 178 3.26 24.57 2.51
N MET B 179 4.43 23.96 2.73
CA MET B 179 5.05 23.13 1.70
C MET B 179 4.22 21.88 1.40
N ALA B 180 3.44 21.41 2.36
CA ALA B 180 2.59 20.26 2.11
C ALA B 180 1.50 20.56 1.08
N GLN B 181 1.26 21.83 0.74
CA GLN B 181 0.31 22.22 -0.30
C GLN B 181 1.00 22.76 -1.55
N SER B 182 2.33 22.62 -1.64
CA SER B 182 3.12 23.26 -2.68
C SER B 182 3.36 22.30 -3.84
N ASP B 183 3.28 22.83 -5.06
CA ASP B 183 3.68 22.11 -6.25
C ASP B 183 5.13 22.35 -6.59
N LEU B 184 5.86 23.07 -5.74
CA LEU B 184 7.21 23.51 -6.08
C LEU B 184 8.05 23.59 -4.82
N ASP B 185 9.30 23.13 -4.93
CA ASP B 185 10.30 23.27 -3.87
C ASP B 185 11.59 23.70 -4.55
N LEU B 186 11.81 25.01 -4.62
CA LEU B 186 12.95 25.58 -5.31
C LEU B 186 13.75 26.44 -4.34
N VAL B 187 15.04 26.18 -4.26
CA VAL B 187 15.97 27.03 -3.53
C VAL B 187 16.84 27.77 -4.55
N VAL B 188 16.89 29.09 -4.43
CA VAL B 188 17.70 29.91 -5.32
C VAL B 188 18.61 30.77 -4.46
N ALA B 189 19.84 30.99 -4.93
CA ALA B 189 20.77 31.92 -4.34
C ALA B 189 21.30 32.84 -5.43
N GLY B 190 21.58 34.09 -5.05
CA GLY B 190 22.20 35.01 -5.97
C GLY B 190 22.86 36.16 -5.24
N THR B 191 23.51 37.02 -6.02
CA THR B 191 24.07 38.27 -5.55
C THR B 191 23.07 39.38 -5.85
N GLU B 192 23.53 40.61 -5.68
CA GLU B 192 22.71 41.78 -6.01
C GLU B 192 22.29 41.77 -7.48
N SER B 193 23.12 41.25 -8.37
CA SER B 193 22.86 41.38 -9.80
C SER B 193 22.60 40.07 -10.54
N ALA B 194 22.92 38.91 -9.97
CA ALA B 194 22.83 37.69 -10.75
C ALA B 194 22.34 36.54 -9.88
N VAL B 195 21.56 35.66 -10.50
CA VAL B 195 21.27 34.35 -9.94
C VAL B 195 22.51 33.49 -10.04
N LEU B 196 22.81 32.74 -8.98
CA LEU B 196 24.00 31.90 -8.88
C LEU B 196 23.68 30.42 -8.85
N MET B 197 22.61 30.03 -8.17
CA MET B 197 22.38 28.64 -7.85
C MET B 197 20.88 28.40 -7.78
N VAL B 198 20.42 27.34 -8.43
CA VAL B 198 19.05 26.87 -8.32
C VAL B 198 19.08 25.37 -8.06
N GLU B 199 18.25 24.92 -7.13
CA GLU B 199 18.05 23.50 -6.84
C GLU B 199 16.56 23.34 -6.57
N SER B 200 15.90 22.47 -7.31
CA SER B 200 14.45 22.51 -7.29
C SER B 200 13.87 21.15 -7.62
N GLU B 201 12.66 20.94 -7.10
CA GLU B 201 11.81 19.79 -7.33
C GLU B 201 10.43 20.34 -7.67
N ALA B 202 9.77 19.79 -8.68
CA ALA B 202 8.51 20.37 -9.14
C ALA B 202 7.55 19.29 -9.60
N LYS B 203 6.25 19.59 -9.49
CA LYS B 203 5.20 18.69 -9.95
C LYS B 203 4.79 19.04 -11.38
N GLU B 204 5.72 18.76 -12.31
CA GLU B 204 5.48 18.84 -13.75
C GLU B 204 5.04 20.25 -14.19
N LEU B 205 5.75 21.26 -13.68
CA LEU B 205 5.47 22.64 -14.02
C LEU B 205 6.11 23.02 -15.36
N SER B 206 5.65 24.13 -15.92
CA SER B 206 6.13 24.59 -17.23
C SER B 206 7.46 25.33 -17.09
N GLU B 207 8.19 25.39 -18.22
CA GLU B 207 9.45 26.13 -18.27
C GLU B 207 9.27 27.56 -17.77
N ASP B 208 8.17 28.19 -18.20
CA ASP B 208 7.91 29.57 -17.81
C ASP B 208 7.64 29.69 -16.31
N GLN B 209 6.84 28.79 -15.76
CA GLN B 209 6.62 28.78 -14.32
C GLN B 209 7.93 28.62 -13.56
N MET B 210 8.82 27.74 -14.03
CA MET B 210 10.07 27.50 -13.30
C MET B 210 10.96 28.73 -13.33
N LEU B 211 11.10 29.36 -14.50
CA LEU B 211 11.94 30.54 -14.59
C LEU B 211 11.38 31.68 -13.74
N GLY B 212 10.05 31.87 -13.76
CA GLY B 212 9.44 32.89 -12.92
C GLY B 212 9.67 32.67 -11.45
N ALA B 213 9.69 31.39 -11.02
CA ALA B 213 9.99 31.09 -9.63
C ALA B 213 11.40 31.49 -9.28
N VAL B 214 12.33 31.29 -10.22
CA VAL B 214 13.73 31.69 -10.02
C VAL B 214 13.85 33.19 -9.90
N LEU B 215 13.20 33.93 -10.81
CA LEU B 215 13.24 35.38 -10.78
C LEU B 215 12.47 35.94 -9.59
N PHE B 216 11.37 35.29 -9.19
CA PHE B 216 10.65 35.70 -8.01
C PHE B 216 11.56 35.69 -6.79
N GLY B 217 12.32 34.60 -6.62
CA GLY B 217 13.21 34.50 -5.46
C GLY B 217 14.35 35.50 -5.52
N HIS B 218 14.94 35.68 -6.71
CA HIS B 218 16.02 36.65 -6.85
C HIS B 218 15.55 38.06 -6.53
N ASP B 219 14.30 38.38 -6.87
CA ASP B 219 13.74 39.69 -6.55
C ASP B 219 13.50 39.82 -5.05
N GLU B 220 12.95 38.79 -4.41
CA GLU B 220 12.59 38.88 -2.99
C GLU B 220 13.81 38.88 -2.09
N MET B 221 14.89 38.23 -2.49
CA MET B 221 16.07 38.16 -1.62
C MET B 221 16.85 39.47 -1.58
N GLN B 222 16.54 40.43 -2.47
CA GLN B 222 17.30 41.67 -2.53
C GLN B 222 17.27 42.41 -1.21
N ILE B 223 16.12 42.39 -0.51
CA ILE B 223 16.03 43.07 0.77
C ILE B 223 17.00 42.45 1.78
N ALA B 224 17.17 41.13 1.74
CA ALA B 224 18.10 40.47 2.64
C ALA B 224 19.53 40.79 2.27
N ILE B 225 19.84 40.85 0.98
CA ILE B 225 21.18 41.23 0.53
C ILE B 225 21.52 42.64 0.99
N GLN B 226 20.57 43.57 0.87
CA GLN B 226 20.84 44.92 1.31
C GLN B 226 21.00 44.99 2.83
N ALA B 227 20.24 44.17 3.57
CA ALA B 227 20.37 44.16 5.02
C ALA B 227 21.73 43.60 5.46
N ILE B 228 22.18 42.51 4.84
CA ILE B 228 23.53 41.99 5.12
C ILE B 228 24.58 43.04 4.82
N ASN B 229 24.43 43.78 3.71
CA ASN B 229 25.38 44.83 3.37
C ASN B 229 25.50 45.87 4.46
N GLU B 230 24.37 46.36 4.97
CA GLU B 230 24.43 47.39 6.00
C GLU B 230 24.94 46.82 7.31
N PHE B 231 24.57 45.57 7.61
CA PHE B 231 25.09 44.88 8.79
C PHE B 231 26.62 44.81 8.73
N ALA B 232 27.15 44.39 7.58
CA ALA B 232 28.60 44.33 7.42
C ALA B 232 29.25 45.71 7.60
N ALA B 233 28.58 46.76 7.12
CA ALA B 233 29.14 48.10 7.31
C ALA B 233 29.13 48.49 8.77
N ALA B 234 28.04 48.20 9.49
CA ALA B 234 27.98 48.53 10.91
C ALA B 234 28.98 47.72 11.73
N ALA B 235 29.34 46.54 11.27
CA ALA B 235 30.35 45.74 11.93
C ALA B 235 31.78 46.17 11.57
N GLY B 236 31.93 47.23 10.80
CA GLY B 236 33.25 47.73 10.47
C GLY B 236 33.96 47.02 9.34
N ALA B 237 33.23 46.30 8.48
CA ALA B 237 33.85 45.67 7.34
C ALA B 237 34.36 46.74 6.36
N LYS B 238 35.46 46.42 5.70
CA LYS B 238 36.13 47.32 4.78
C LYS B 238 36.53 46.52 3.55
N PRO B 239 36.81 47.20 2.42
CA PRO B 239 37.27 46.48 1.23
C PRO B 239 38.49 45.61 1.54
N SER B 240 38.64 44.53 0.77
CA SER B 240 39.65 43.53 1.06
C SER B 240 41.07 44.00 0.74
N ASP B 241 42.01 43.54 1.57
CA ASP B 241 43.43 43.74 1.36
C ASP B 241 43.98 42.52 0.64
N TRP B 242 43.68 42.45 -0.66
CA TRP B 242 44.17 41.40 -1.54
C TRP B 242 44.23 41.98 -2.94
N VAL B 243 45.32 41.69 -3.65
CA VAL B 243 45.53 42.17 -5.01
C VAL B 243 45.60 40.97 -5.94
N ALA B 244 44.89 41.06 -7.07
CA ALA B 244 44.90 39.98 -8.03
C ALA B 244 46.23 39.96 -8.78
N PRO B 245 46.81 38.78 -8.99
CA PRO B 245 48.09 38.72 -9.72
C PRO B 245 47.93 39.25 -11.14
N ALA B 246 48.95 39.98 -11.60
CA ALA B 246 48.98 40.47 -12.97
C ALA B 246 49.72 39.47 -13.87
N HIS B 247 49.51 39.62 -15.17
CA HIS B 247 50.16 38.73 -16.13
C HIS B 247 50.83 39.53 -17.24
N ASN B 248 51.75 38.85 -17.93
CA ASN B 248 52.52 39.41 -19.04
C ASN B 248 51.60 39.50 -20.26
N GLU B 249 51.09 40.70 -20.53
CA GLU B 249 50.13 40.84 -21.62
C GLU B 249 50.82 40.75 -22.98
N GLU B 250 52.09 41.15 -23.07
CA GLU B 250 52.82 40.96 -24.32
C GLU B 250 53.07 39.48 -24.59
N LEU B 251 53.33 38.71 -23.52
CA LEU B 251 53.50 37.27 -23.69
C LEU B 251 52.17 36.60 -24.00
N ARG B 252 51.09 37.07 -23.37
CA ARG B 252 49.77 36.56 -23.70
C ARG B 252 49.47 36.74 -25.18
N ALA B 253 49.58 37.98 -25.68
CA ALA B 253 49.30 38.24 -27.09
C ALA B 253 50.22 37.46 -28.01
N LYS B 254 51.43 37.13 -27.55
CA LYS B 254 52.35 36.37 -28.39
C LYS B 254 51.99 34.90 -28.41
N LEU B 255 51.62 34.32 -27.26
CA LEU B 255 51.16 32.93 -27.26
C LEU B 255 49.86 32.78 -28.04
N LYS B 256 49.03 33.82 -28.07
CA LYS B 256 47.79 33.75 -28.83
C LYS B 256 48.07 33.65 -30.33
N GLU B 257 48.87 34.58 -30.86
CA GLU B 257 49.18 34.54 -32.29
C GLU B 257 49.83 33.23 -32.68
N ALA B 258 50.72 32.70 -31.83
CA ALA B 258 51.55 31.57 -32.22
C ALA B 258 50.80 30.24 -32.14
N PHE B 259 49.77 30.12 -31.31
CA PHE B 259 49.18 28.82 -31.03
C PHE B 259 47.65 28.76 -31.05
N GLU B 260 46.96 29.90 -31.22
CA GLU B 260 45.50 29.86 -31.20
C GLU B 260 44.94 28.97 -32.30
N ALA B 261 45.41 29.16 -33.54
CA ALA B 261 44.88 28.39 -34.66
C ALA B 261 45.17 26.90 -34.49
N LYS B 262 46.41 26.56 -34.12
CA LYS B 262 46.72 25.16 -33.87
C LYS B 262 45.91 24.61 -32.71
N ILE B 263 45.72 25.41 -31.66
CA ILE B 263 44.94 24.93 -30.52
C ILE B 263 43.49 24.71 -30.94
N SER B 264 42.94 25.60 -31.77
CA SER B 264 41.56 25.45 -32.21
C SER B 264 41.39 24.15 -32.98
N GLU B 265 42.32 23.85 -33.88
CA GLU B 265 42.25 22.62 -34.66
C GLU B 265 42.28 21.40 -33.75
N ALA B 266 43.13 21.44 -32.72
CA ALA B 266 43.29 20.30 -31.82
C ALA B 266 41.99 19.98 -31.09
N TYR B 267 41.20 21.00 -30.76
CA TYR B 267 39.92 20.77 -30.11
C TYR B 267 38.86 20.25 -31.07
N THR B 268 39.25 19.87 -32.29
CA THR B 268 38.40 19.13 -33.19
C THR B 268 38.73 17.64 -33.22
N ILE B 269 39.76 17.24 -32.49
CA ILE B 269 40.10 15.83 -32.32
C ILE B 269 39.17 15.21 -31.28
N ALA B 270 38.39 14.21 -31.70
CA ALA B 270 37.33 13.70 -30.83
C ALA B 270 37.86 12.72 -29.78
N VAL B 271 38.86 11.91 -30.13
CA VAL B 271 39.36 10.90 -29.19
C VAL B 271 40.12 11.58 -28.06
N LYS B 272 39.76 11.25 -26.82
CA LYS B 272 40.32 11.93 -25.67
C LYS B 272 41.84 11.81 -25.63
N GLN B 273 42.37 10.62 -25.88
CA GLN B 273 43.81 10.42 -25.84
C GLN B 273 44.51 11.24 -26.92
N ASP B 274 43.97 11.26 -28.14
CA ASP B 274 44.65 11.96 -29.23
C ASP B 274 44.57 13.47 -29.06
N ARG B 275 43.44 13.97 -28.58
CA ARG B 275 43.29 15.40 -28.35
C ARG B 275 44.19 15.89 -27.23
N TYR B 276 44.31 15.13 -26.14
CA TYR B 276 45.23 15.53 -25.08
C TYR B 276 46.67 15.49 -25.56
N ALA B 277 47.04 14.45 -26.31
CA ALA B 277 48.40 14.36 -26.82
C ALA B 277 48.71 15.50 -27.79
N ALA B 278 47.74 15.86 -28.63
CA ALA B 278 47.94 16.99 -29.53
C ALA B 278 48.11 18.28 -28.75
N LEU B 279 47.26 18.49 -27.74
CA LEU B 279 47.36 19.71 -26.93
C LEU B 279 48.64 19.71 -26.10
N ASP B 280 49.00 18.55 -25.52
CA ASP B 280 50.23 18.48 -24.77
C ASP B 280 51.44 18.78 -25.63
N ALA B 281 51.44 18.32 -26.88
CA ALA B 281 52.57 18.60 -27.77
C ALA B 281 52.64 20.09 -28.11
N LEU B 282 51.49 20.74 -28.32
CA LEU B 282 51.49 22.17 -28.53
C LEU B 282 52.02 22.90 -27.30
N HIS B 283 51.69 22.38 -26.11
CA HIS B 283 52.20 22.96 -24.88
C HIS B 283 53.71 22.86 -24.82
N ALA B 284 54.27 21.74 -25.28
CA ALA B 284 55.72 21.60 -25.35
C ALA B 284 56.31 22.60 -26.34
N GLU B 285 55.64 22.81 -27.47
CA GLU B 285 56.10 23.84 -28.41
C GLU B 285 56.17 25.19 -27.74
N ALA B 286 55.16 25.53 -26.92
CA ALA B 286 55.15 26.82 -26.25
C ALA B 286 56.25 26.89 -25.19
N VAL B 287 56.47 25.80 -24.46
CA VAL B 287 57.50 25.81 -23.43
C VAL B 287 58.88 25.86 -24.06
N ALA B 288 59.10 25.12 -25.14
CA ALA B 288 60.38 25.18 -25.84
C ALA B 288 60.62 26.56 -26.43
N GLN B 289 59.56 27.20 -26.94
CA GLN B 289 59.74 28.47 -27.63
C GLN B 289 59.86 29.65 -26.67
N PHE B 290 59.29 29.55 -25.46
CA PHE B 290 59.22 30.70 -24.56
C PHE B 290 59.92 30.54 -23.22
N VAL B 291 60.54 29.40 -22.93
CA VAL B 291 61.18 29.16 -21.64
C VAL B 291 62.67 28.92 -21.86
N PRO B 292 63.57 29.79 -21.36
CA PRO B 292 65.04 29.70 -21.41
C PRO B 292 65.61 28.44 -20.76
N GLY B 298 62.64 33.33 -14.74
CA GLY B 298 61.93 32.11 -15.11
C GLY B 298 60.41 32.26 -15.11
N ILE B 299 59.85 32.45 -16.31
CA ILE B 299 58.41 32.69 -16.46
C ILE B 299 57.71 31.38 -16.78
N ALA B 300 58.28 30.26 -16.31
CA ALA B 300 57.74 28.94 -16.65
C ALA B 300 56.32 28.77 -16.11
N ASP B 301 56.07 29.26 -14.90
CA ASP B 301 54.72 29.14 -14.34
C ASP B 301 53.75 30.04 -15.09
N GLU B 302 54.21 31.22 -15.54
CA GLU B 302 53.37 32.11 -16.32
C GLU B 302 53.06 31.58 -17.71
N VAL B 303 54.00 30.87 -18.33
CA VAL B 303 53.67 30.25 -19.61
C VAL B 303 52.70 29.11 -19.39
N ASP B 304 52.90 28.35 -18.31
CA ASP B 304 51.92 27.33 -17.92
C ASP B 304 50.53 27.94 -17.77
N TYR B 305 50.45 29.07 -17.06
CA TYR B 305 49.15 29.68 -16.82
C TYR B 305 48.54 30.20 -18.12
N LEU B 306 49.30 30.99 -18.89
CA LEU B 306 48.74 31.60 -20.09
C LEU B 306 48.35 30.54 -21.12
N PHE B 307 49.12 29.46 -21.20
CA PHE B 307 48.76 28.43 -22.18
C PHE B 307 47.44 27.75 -21.81
N GLU B 308 47.22 27.50 -20.52
CA GLU B 308 45.95 26.91 -20.12
C GLU B 308 44.80 27.89 -20.34
N ASP B 309 45.02 29.17 -20.01
CA ASP B 309 44.00 30.18 -20.24
C ASP B 309 43.70 30.32 -21.73
N LEU B 310 44.72 30.14 -22.59
CA LEU B 310 44.49 30.16 -24.03
C LEU B 310 43.65 28.98 -24.47
N LYS B 311 43.91 27.79 -23.91
CA LYS B 311 43.09 26.63 -24.25
C LYS B 311 41.63 26.88 -23.89
N TYR B 312 41.38 27.46 -22.71
CA TYR B 312 40.01 27.70 -22.26
C TYR B 312 39.28 28.67 -23.17
N ARG B 313 39.92 29.79 -23.53
CA ARG B 313 39.27 30.75 -24.41
C ARG B 313 39.03 30.18 -25.81
N THR B 314 40.01 29.45 -26.34
CA THR B 314 39.93 28.96 -27.72
C THR B 314 38.79 27.97 -27.91
N VAL B 315 38.69 26.97 -27.01
CA VAL B 315 37.64 25.97 -27.16
C VAL B 315 36.27 26.64 -27.04
N ARG B 316 36.17 27.69 -26.23
CA ARG B 316 34.93 28.44 -26.14
C ARG B 316 34.69 29.23 -27.42
N ASP B 317 35.74 29.83 -27.98
CA ASP B 317 35.60 30.53 -29.25
C ASP B 317 35.22 29.58 -30.37
N ASN B 318 35.71 28.33 -30.32
CA ASN B 318 35.26 27.32 -31.28
C ASN B 318 33.75 27.17 -31.21
N ILE B 319 33.20 27.10 -30.01
CA ILE B 319 31.76 26.96 -29.84
C ILE B 319 31.05 28.22 -30.31
N LEU B 320 31.57 29.39 -29.90
CA LEU B 320 30.91 30.65 -30.21
C LEU B 320 31.02 31.02 -31.69
N SER B 321 32.10 30.62 -32.37
CA SER B 321 32.26 30.93 -33.79
C SER B 321 31.55 29.91 -34.70
N GLY B 322 30.79 28.99 -34.14
CA GLY B 322 30.05 28.04 -34.95
C GLY B 322 30.81 26.83 -35.41
N LYS B 323 32.01 26.59 -34.89
CA LYS B 323 32.73 25.37 -35.24
C LYS B 323 32.13 24.18 -34.50
N PRO B 324 32.30 22.97 -35.03
CA PRO B 324 31.79 21.78 -34.34
C PRO B 324 32.42 21.60 -32.96
N ARG B 325 31.65 21.03 -32.05
CA ARG B 325 32.13 20.74 -30.70
C ARG B 325 33.21 19.67 -30.77
N ILE B 326 33.77 19.35 -29.59
CA ILE B 326 34.91 18.43 -29.49
C ILE B 326 34.59 17.10 -30.16
N ASP B 327 33.35 16.61 -30.01
CA ASP B 327 33.00 15.31 -30.59
C ASP B 327 32.36 15.42 -31.97
N GLY B 328 32.36 16.61 -32.57
CA GLY B 328 31.79 16.82 -33.88
C GLY B 328 30.35 17.31 -33.90
N ARG B 329 29.65 17.29 -32.77
CA ARG B 329 28.25 17.70 -32.75
C ARG B 329 28.11 19.21 -32.92
N ASP B 330 26.92 19.63 -33.37
CA ASP B 330 26.51 21.02 -33.24
C ASP B 330 25.90 21.24 -31.86
N THR B 331 25.44 22.46 -31.59
CA THR B 331 25.07 22.82 -30.22
C THR B 331 23.79 22.13 -29.75
N LYS B 332 22.93 21.68 -30.67
CA LYS B 332 21.61 21.16 -30.30
C LYS B 332 21.49 19.65 -30.40
N THR B 333 22.52 18.94 -30.83
CA THR B 333 22.43 17.51 -31.08
C THR B 333 22.69 16.72 -29.80
N VAL B 334 21.79 15.76 -29.50
CA VAL B 334 21.99 14.79 -28.42
C VAL B 334 22.79 13.63 -28.98
N ARG B 335 23.64 13.05 -28.12
CA ARG B 335 24.44 11.92 -28.54
C ARG B 335 23.55 10.70 -28.80
N ALA B 336 24.14 9.67 -29.40
CA ALA B 336 23.41 8.45 -29.69
C ALA B 336 22.89 7.80 -28.42
N LEU B 337 21.70 7.20 -28.52
CA LEU B 337 21.01 6.62 -27.37
C LEU B 337 20.78 5.13 -27.56
N ASP B 338 20.89 4.39 -26.47
CA ASP B 338 20.50 2.98 -26.46
C ASP B 338 19.73 2.73 -25.17
N VAL B 339 18.58 2.07 -25.29
CA VAL B 339 17.63 1.87 -24.20
C VAL B 339 17.31 0.39 -24.08
N GLN B 340 17.62 -0.20 -22.93
CA GLN B 340 17.37 -1.61 -22.68
C GLN B 340 16.76 -1.80 -21.29
N VAL B 341 15.72 -2.62 -21.20
CA VAL B 341 15.09 -2.94 -19.93
C VAL B 341 15.13 -4.47 -19.72
N GLY B 342 14.85 -4.88 -18.48
CA GLY B 342 14.91 -6.30 -18.15
C GLY B 342 16.28 -6.92 -18.36
N VAL B 343 17.35 -6.16 -18.08
CA VAL B 343 18.69 -6.65 -18.38
C VAL B 343 19.27 -7.50 -17.25
N LEU B 344 18.61 -7.58 -16.10
CA LEU B 344 19.07 -8.40 -14.98
C LEU B 344 17.95 -9.33 -14.59
N GLU B 345 18.25 -10.63 -14.54
CA GLU B 345 17.19 -11.63 -14.43
C GLU B 345 16.43 -11.51 -13.12
N ARG B 346 17.12 -11.23 -12.02
CA ARG B 346 16.53 -11.32 -10.70
C ARG B 346 16.28 -9.97 -10.03
N ALA B 347 16.65 -8.87 -10.68
CA ALA B 347 16.24 -7.57 -10.18
C ALA B 347 14.77 -7.35 -10.53
N HIS B 348 14.03 -6.76 -9.60
CA HIS B 348 12.59 -6.56 -9.83
C HIS B 348 12.33 -5.70 -11.06
N GLY B 349 13.14 -4.66 -11.26
CA GLY B 349 13.15 -3.92 -12.50
C GLY B 349 14.58 -3.47 -12.80
N SER B 350 14.92 -3.41 -14.08
CA SER B 350 16.28 -3.06 -14.43
C SER B 350 16.30 -2.37 -15.78
N ALA B 351 17.30 -1.50 -15.96
CA ALA B 351 17.46 -0.80 -17.21
C ALA B 351 18.94 -0.51 -17.42
N LEU B 352 19.35 -0.55 -18.69
CA LEU B 352 20.66 -0.06 -19.11
C LEU B 352 20.41 1.12 -20.06
N PHE B 353 20.77 2.31 -19.64
CA PHE B 353 20.57 3.51 -20.42
C PHE B 353 21.92 4.07 -20.82
N THR B 354 22.17 4.18 -22.12
CA THR B 354 23.43 4.71 -22.63
C THR B 354 23.16 5.96 -23.47
N ARG B 355 23.91 7.01 -23.19
CA ARG B 355 23.85 8.26 -23.93
C ARG B 355 25.29 8.61 -24.30
N GLY B 356 25.67 8.37 -25.54
CA GLY B 356 27.08 8.51 -25.91
C GLY B 356 27.95 7.62 -25.06
N GLU B 357 28.86 8.23 -24.30
CA GLU B 357 29.77 7.50 -23.43
C GLU B 357 29.39 7.64 -21.96
N THR B 358 28.13 7.93 -21.67
CA THR B 358 27.57 7.98 -20.34
C THR B 358 26.55 6.83 -20.22
N GLN B 359 26.67 6.03 -19.16
CA GLN B 359 25.87 4.82 -19.06
C GLN B 359 25.49 4.59 -17.62
N ALA B 360 24.25 4.16 -17.41
CA ALA B 360 23.74 3.90 -16.08
C ALA B 360 23.01 2.56 -16.10
N LEU B 361 23.39 1.67 -15.19
CA LEU B 361 22.67 0.45 -14.90
C LEU B 361 21.79 0.74 -13.69
N VAL B 362 20.49 0.79 -13.89
CA VAL B 362 19.56 1.25 -12.86
C VAL B 362 18.61 0.12 -12.54
N THR B 363 18.41 -0.15 -11.26
CA THR B 363 17.52 -1.21 -10.81
C THR B 363 16.46 -0.63 -9.87
N THR B 364 15.30 -1.29 -9.86
CA THR B 364 14.22 -0.99 -8.94
C THR B 364 13.98 -2.21 -8.08
N THR B 365 13.90 -2.01 -6.77
CA THR B 365 13.62 -3.08 -5.83
C THR B 365 12.37 -2.75 -5.03
N LEU B 366 11.52 -3.75 -4.86
CA LEU B 366 10.26 -3.60 -4.13
C LEU B 366 10.34 -4.30 -2.78
N GLY B 367 9.82 -3.63 -1.75
CA GLY B 367 9.90 -4.14 -0.40
C GLY B 367 8.66 -3.81 0.41
N ASN B 368 8.62 -4.35 1.63
CA ASN B 368 7.55 -4.16 2.61
C ASN B 368 7.94 -3.07 3.62
N THR B 369 7.10 -2.90 4.65
CA THR B 369 7.32 -1.84 5.63
C THR B 369 8.68 -1.95 6.32
N ARG B 370 9.14 -3.18 6.57
CA ARG B 370 10.44 -3.37 7.21
C ARG B 370 11.58 -2.74 6.42
N ASP B 371 11.41 -2.51 5.13
CA ASP B 371 12.49 -2.03 4.27
C ASP B 371 12.53 -0.51 4.14
N ALA B 372 11.56 0.21 4.73
CA ALA B 372 11.45 1.64 4.52
C ALA B 372 12.63 2.40 5.11
N LEU B 373 13.01 3.49 4.44
CA LEU B 373 14.11 4.33 4.90
C LEU B 373 13.67 5.17 6.10
N MET B 374 14.39 5.05 7.21
CA MET B 374 14.04 5.79 8.43
C MET B 374 15.21 6.68 8.83
N VAL B 375 14.92 7.96 9.04
CA VAL B 375 15.93 8.94 9.42
C VAL B 375 15.34 9.87 10.47
N ASP B 376 16.21 10.36 11.35
CA ASP B 376 15.81 11.34 12.36
C ASP B 376 16.02 12.75 11.83
N THR B 377 15.03 13.60 12.06
CA THR B 377 15.11 15.02 11.77
C THR B 377 14.77 15.78 13.04
N LEU B 378 14.91 17.11 12.99
CA LEU B 378 14.54 17.90 14.16
C LEU B 378 13.04 17.80 14.42
N ALA B 379 12.25 17.52 13.38
CA ALA B 379 10.80 17.41 13.51
C ALA B 379 10.34 16.05 14.00
N GLY B 380 11.23 15.07 14.06
CA GLY B 380 10.90 13.73 14.49
C GLY B 380 11.40 12.70 13.49
N THR B 381 11.11 11.43 13.80
CA THR B 381 11.58 10.33 12.97
C THR B 381 10.76 10.26 11.68
N LYS B 382 11.48 10.15 10.55
CA LYS B 382 10.91 10.21 9.22
C LYS B 382 11.01 8.84 8.54
N THR B 383 9.87 8.29 8.13
CA THR B 383 9.81 7.05 7.39
C THR B 383 9.55 7.37 5.92
N ASP B 384 10.41 6.90 5.03
CA ASP B 384 10.33 7.22 3.61
C ASP B 384 10.21 5.94 2.80
N ASN B 385 9.14 5.81 2.02
CA ASN B 385 8.93 4.62 1.21
C ASN B 385 9.68 4.65 -0.11
N PHE B 386 10.41 5.72 -0.42
CA PHE B 386 11.20 5.82 -1.64
C PHE B 386 12.62 6.25 -1.32
N MET B 387 13.59 5.62 -1.98
CA MET B 387 14.97 6.05 -1.87
C MET B 387 15.67 5.78 -3.20
N LEU B 388 16.70 6.58 -3.47
CA LEU B 388 17.50 6.43 -4.68
C LEU B 388 18.96 6.58 -4.29
N HIS B 389 19.75 5.56 -4.62
CA HIS B 389 21.16 5.52 -4.30
C HIS B 389 21.95 5.53 -5.60
N TYR B 390 23.03 6.30 -5.60
CA TYR B 390 23.80 6.64 -6.77
C TYR B 390 25.24 6.25 -6.51
N ASN B 391 25.80 5.40 -7.36
CA ASN B 391 27.18 4.95 -7.19
C ASN B 391 27.99 5.35 -8.40
N PHE B 392 29.17 5.89 -8.17
CA PHE B 392 30.05 6.39 -9.24
C PHE B 392 31.44 5.78 -9.06
N PRO B 393 31.63 4.54 -9.48
CA PRO B 393 32.97 3.93 -9.35
C PRO B 393 33.93 4.51 -10.38
N ALA B 394 35.21 4.43 -10.05
CA ALA B 394 36.25 5.00 -10.90
C ALA B 394 36.39 4.27 -12.23
N TYR B 395 35.98 3.00 -12.33
CA TYR B 395 36.10 2.33 -13.62
C TYR B 395 35.15 2.90 -14.65
N SER B 396 34.13 3.64 -14.22
CA SER B 396 33.22 4.29 -15.17
C SER B 396 33.92 5.34 -16.02
N VAL B 397 35.02 5.91 -15.55
CA VAL B 397 35.83 6.79 -16.38
C VAL B 397 37.20 6.17 -16.65
N GLY B 398 37.30 4.86 -16.51
CA GLY B 398 38.53 4.16 -16.81
C GLY B 398 39.67 4.42 -15.85
N GLU B 399 39.37 4.68 -14.58
CA GLU B 399 40.41 5.01 -13.62
C GLU B 399 40.40 4.02 -12.46
N THR B 400 41.50 4.03 -11.72
CA THR B 400 41.53 3.41 -10.41
C THR B 400 41.18 4.44 -9.35
N GLY B 401 40.63 3.96 -8.24
CA GLY B 401 40.33 4.82 -7.10
C GLY B 401 40.13 4.01 -5.85
N ARG B 402 40.41 4.63 -4.71
CA ARG B 402 40.25 3.93 -3.43
C ARG B 402 38.77 3.77 -3.07
N GLU B 403 38.47 2.75 -2.27
CA GLU B 403 37.12 2.46 -1.84
C GLU B 403 36.77 3.23 -0.57
N SER B 404 35.59 3.86 -0.55
CA SER B 404 35.15 4.67 0.57
C SER B 404 33.62 4.66 0.61
N GLY B 405 33.05 5.46 1.52
CA GLY B 405 31.62 5.60 1.62
C GLY B 405 31.07 6.61 0.64
N PRO B 406 29.77 6.91 0.73
CA PRO B 406 29.14 7.85 -0.20
C PRO B 406 29.76 9.25 -0.11
N LYS B 407 30.18 9.76 -1.26
CA LYS B 407 30.79 11.08 -1.35
C LYS B 407 29.72 12.17 -1.40
N ARG B 408 30.13 13.40 -1.09
CA ARG B 408 29.21 14.53 -1.12
C ARG B 408 28.59 14.69 -2.51
N ARG B 409 29.40 14.45 -3.55
CA ARG B 409 28.93 14.56 -4.93
C ARG B 409 27.99 13.42 -5.29
N GLU B 410 28.25 12.21 -4.79
CA GLU B 410 27.34 11.09 -5.03
C GLU B 410 25.99 11.35 -4.37
N ILE B 411 26.01 11.91 -3.16
CA ILE B 411 24.77 12.19 -2.45
C ILE B 411 23.98 13.25 -3.18
N GLY B 412 24.66 14.28 -3.69
CA GLY B 412 23.99 15.33 -4.43
C GLY B 412 23.37 14.85 -5.73
N HIS B 413 24.12 14.04 -6.50
CA HIS B 413 23.60 13.56 -7.78
C HIS B 413 22.41 12.62 -7.57
N GLY B 414 22.48 11.75 -6.55
CA GLY B 414 21.36 10.87 -6.28
C GLY B 414 20.11 11.63 -5.90
N ARG B 415 20.26 12.66 -5.06
CA ARG B 415 19.12 13.45 -4.65
C ARG B 415 18.53 14.22 -5.83
N LEU B 416 19.39 14.72 -6.72
CA LEU B 416 18.90 15.38 -7.93
C LEU B 416 18.10 14.43 -8.80
N ALA B 417 18.62 13.20 -8.98
CA ALA B 417 17.87 12.19 -9.73
C ALA B 417 16.58 11.81 -9.01
N ARG B 418 16.61 11.72 -7.68
CA ARG B 418 15.38 11.48 -6.93
C ARG B 418 14.37 12.59 -7.21
N ARG B 419 14.83 13.84 -7.25
CA ARG B 419 13.92 14.95 -7.52
C ARG B 419 13.28 14.84 -8.90
N GLY B 420 14.04 14.36 -9.89
CA GLY B 420 13.51 14.25 -11.24
C GLY B 420 12.46 13.16 -11.38
N VAL B 421 12.39 12.26 -10.41
CA VAL B 421 11.47 11.14 -10.46
C VAL B 421 10.31 11.33 -9.49
N GLN B 422 10.46 12.17 -8.46
CA GLN B 422 9.55 12.16 -7.31
C GLN B 422 8.10 12.35 -7.73
N ALA B 423 7.81 13.35 -8.58
CA ALA B 423 6.42 13.74 -8.85
C ALA B 423 5.61 12.67 -9.58
N VAL B 424 6.24 11.76 -10.31
CA VAL B 424 5.48 10.76 -11.08
C VAL B 424 5.36 9.43 -10.35
N LEU B 425 5.89 9.32 -9.12
CA LEU B 425 5.75 8.09 -8.37
C LEU B 425 4.30 7.91 -7.94
N PRO B 426 3.85 6.66 -7.83
CA PRO B 426 2.48 6.41 -7.36
C PRO B 426 2.33 6.78 -5.90
N ALA B 427 1.13 7.21 -5.56
CA ALA B 427 0.80 7.47 -4.17
C ALA B 427 0.90 6.17 -3.37
N ALA B 428 1.33 6.30 -2.11
CA ALA B 428 1.54 5.11 -1.29
C ALA B 428 0.24 4.33 -1.10
N ASP B 429 -0.90 5.02 -0.98
CA ASP B 429 -2.18 4.35 -0.82
C ASP B 429 -2.67 3.66 -2.09
N ARG B 430 -2.04 3.92 -3.23
CA ARG B 430 -2.35 3.21 -4.47
C ARG B 430 -1.30 2.16 -4.84
N PHE B 431 -0.08 2.28 -4.32
CA PHE B 431 1.00 1.33 -4.61
C PHE B 431 1.81 1.14 -3.33
N PRO B 432 1.39 0.20 -2.46
CA PRO B 432 1.89 0.13 -1.09
C PRO B 432 3.19 -0.66 -0.95
N TYR B 433 4.20 -0.28 -1.72
CA TYR B 433 5.48 -0.95 -1.67
C TYR B 433 6.55 0.08 -1.32
N VAL B 434 7.56 -0.37 -0.58
CA VAL B 434 8.80 0.38 -0.50
C VAL B 434 9.52 0.24 -1.83
N ILE B 435 10.08 1.34 -2.32
CA ILE B 435 10.77 1.37 -3.60
C ILE B 435 12.19 1.83 -3.34
N ARG B 436 13.17 1.00 -3.69
CA ARG B 436 14.56 1.44 -3.67
C ARG B 436 15.12 1.39 -5.08
N ILE B 437 15.60 2.54 -5.56
CA ILE B 437 16.26 2.62 -6.85
C ILE B 437 17.75 2.80 -6.63
N VAL B 438 18.55 2.04 -7.38
CA VAL B 438 20.00 2.18 -7.39
C VAL B 438 20.42 2.51 -8.81
N SER B 439 21.24 3.53 -8.96
CA SER B 439 21.86 3.85 -10.25
C SER B 439 23.34 3.58 -10.13
N ASP B 440 23.81 2.56 -10.84
CA ASP B 440 25.23 2.24 -10.93
C ASP B 440 25.78 2.84 -12.22
N ILE B 441 26.56 3.90 -12.09
CA ILE B 441 27.18 4.51 -13.26
C ILE B 441 28.25 3.57 -13.78
N THR B 442 28.07 3.04 -14.98
CA THR B 442 29.04 2.13 -15.56
C THR B 442 29.94 2.83 -16.57
N GLU B 443 29.56 4.03 -17.00
CA GLU B 443 30.33 4.85 -17.93
C GLU B 443 29.95 6.30 -17.68
N SER B 444 30.93 7.20 -17.70
CA SER B 444 30.66 8.61 -17.51
C SER B 444 31.40 9.45 -18.54
N ASN B 445 30.67 10.34 -19.19
CA ASN B 445 31.25 11.38 -20.04
C ASN B 445 30.22 12.49 -20.22
N GLY B 446 29.62 12.95 -19.11
CA GLY B 446 28.60 13.97 -19.20
C GLY B 446 27.29 13.59 -18.54
N SER B 447 26.98 14.29 -17.45
CA SER B 447 25.94 14.01 -16.47
C SER B 447 25.35 12.61 -16.44
N SER B 448 26.00 11.76 -15.66
CA SER B 448 25.38 10.52 -15.23
C SER B 448 24.15 10.76 -14.35
N SER B 449 24.00 11.94 -13.74
CA SER B 449 22.82 12.15 -12.90
C SER B 449 21.54 12.16 -13.73
N MET B 450 21.58 12.70 -14.95
CA MET B 450 20.40 12.66 -15.83
C MET B 450 20.21 11.29 -16.47
N ALA B 451 21.31 10.59 -16.78
CA ALA B 451 21.17 9.18 -17.16
C ALA B 451 20.48 8.40 -16.06
N SER B 452 20.74 8.73 -14.80
CA SER B 452 20.08 8.05 -13.69
C SER B 452 18.58 8.30 -13.70
N VAL B 453 18.17 9.53 -14.04
CA VAL B 453 16.73 9.82 -14.16
C VAL B 453 16.08 8.92 -15.21
N CYS B 454 16.66 8.85 -16.41
CA CYS B 454 16.05 8.05 -17.48
C CYS B 454 16.00 6.58 -17.08
N GLY B 455 17.12 6.05 -16.57
CA GLY B 455 17.16 4.66 -16.17
C GLY B 455 16.24 4.34 -15.00
N ALA B 456 16.06 5.30 -14.10
CA ALA B 456 15.10 5.10 -13.01
C ALA B 456 13.69 5.02 -13.58
N SER B 457 13.33 5.92 -14.50
CA SER B 457 12.03 5.85 -15.15
C SER B 457 11.84 4.51 -15.83
N LEU B 458 12.85 4.06 -16.58
CA LEU B 458 12.74 2.80 -17.31
C LEU B 458 12.59 1.60 -16.37
N SER B 459 13.46 1.53 -15.35
CA SER B 459 13.45 0.37 -14.46
C SER B 459 12.21 0.37 -13.56
N LEU B 460 11.67 1.53 -13.24
CA LEU B 460 10.40 1.58 -12.51
C LEU B 460 9.29 0.91 -13.33
N MET B 461 9.18 1.30 -14.59
CA MET B 461 8.17 0.70 -15.45
C MET B 461 8.44 -0.77 -15.67
N ASP B 462 9.72 -1.15 -15.81
CA ASP B 462 10.05 -2.57 -15.99
C ASP B 462 9.64 -3.40 -14.79
N ALA B 463 9.69 -2.83 -13.58
CA ALA B 463 9.26 -3.53 -12.38
C ALA B 463 7.74 -3.55 -12.21
N GLY B 464 7.01 -2.77 -13.02
CA GLY B 464 5.57 -2.70 -12.89
C GLY B 464 5.05 -1.60 -11.99
N VAL B 465 5.87 -0.62 -11.65
CA VAL B 465 5.46 0.49 -10.81
C VAL B 465 4.71 1.53 -11.66
N PRO B 466 3.42 1.73 -11.44
CA PRO B 466 2.66 2.64 -12.30
C PRO B 466 3.07 4.09 -12.07
N LEU B 467 3.61 4.71 -13.10
CA LEU B 467 4.02 6.11 -13.04
C LEU B 467 2.94 7.02 -13.63
N LYS B 468 2.88 8.24 -13.13
CA LYS B 468 2.01 9.25 -13.72
C LYS B 468 2.39 9.50 -15.18
N ALA B 469 3.69 9.48 -15.47
CA ALA B 469 4.28 9.64 -16.79
C ALA B 469 5.75 9.24 -16.75
N PRO B 470 6.33 8.82 -17.87
CA PRO B 470 7.80 8.61 -17.90
C PRO B 470 8.53 9.94 -17.88
N VAL B 471 9.74 9.94 -17.34
CA VAL B 471 10.53 11.16 -17.19
C VAL B 471 11.93 10.94 -17.72
N ALA B 472 12.53 12.02 -18.24
CA ALA B 472 13.89 12.00 -18.74
C ALA B 472 14.61 13.26 -18.29
N GLY B 473 15.94 13.23 -18.41
CA GLY B 473 16.76 14.36 -18.02
C GLY B 473 17.83 14.63 -19.05
N ILE B 474 18.30 15.88 -19.05
CA ILE B 474 19.36 16.31 -19.97
C ILE B 474 20.21 17.35 -19.25
N ALA B 475 21.52 17.30 -19.50
CA ALA B 475 22.45 18.24 -18.91
C ALA B 475 22.94 19.21 -19.97
N MET B 476 22.87 20.49 -19.64
CA MET B 476 23.09 21.56 -20.59
C MET B 476 24.20 22.48 -20.11
N GLY B 477 24.75 23.23 -21.05
CA GLY B 477 25.77 24.22 -20.75
C GLY B 477 25.50 25.46 -21.55
N LEU B 478 25.98 26.59 -21.02
CA LEU B 478 25.84 27.87 -21.70
C LEU B 478 27.20 28.55 -21.67
N VAL B 479 27.67 28.95 -22.84
CA VAL B 479 28.92 29.67 -22.99
C VAL B 479 28.59 31.06 -23.46
N LYS B 480 29.13 32.08 -22.79
CA LYS B 480 28.80 33.44 -23.15
C LYS B 480 30.06 34.30 -23.11
N GLU B 481 30.25 35.11 -24.14
CA GLU B 481 31.37 36.05 -24.21
C GLU B 481 30.84 37.34 -24.79
N GLY B 482 30.70 38.36 -23.95
CA GLY B 482 30.13 39.61 -24.41
C GLY B 482 28.70 39.36 -24.87
N GLU B 483 28.43 39.62 -26.14
CA GLU B 483 27.08 39.46 -26.64
C GLU B 483 26.85 38.14 -27.36
N ARG B 484 27.89 37.35 -27.58
CA ARG B 484 27.74 36.03 -28.19
C ARG B 484 27.48 35.00 -27.12
N PHE B 485 26.52 34.12 -27.38
CA PHE B 485 26.25 33.04 -26.46
C PHE B 485 25.76 31.85 -27.24
N ALA B 486 25.98 30.66 -26.69
CA ALA B 486 25.55 29.41 -27.29
C ALA B 486 25.08 28.48 -26.19
N VAL B 487 23.95 27.82 -26.41
CA VAL B 487 23.44 26.81 -25.49
C VAL B 487 23.82 25.43 -26.03
N LEU B 488 24.38 24.61 -25.16
CA LEU B 488 24.89 23.29 -25.54
C LEU B 488 23.99 22.22 -24.94
N SER B 489 23.48 21.34 -25.79
CA SER B 489 22.69 20.20 -25.34
C SER B 489 23.60 19.01 -25.05
N ASP B 490 23.29 18.29 -23.97
CA ASP B 490 23.95 17.03 -23.62
C ASP B 490 25.47 17.18 -23.58
N ILE B 491 25.94 17.93 -22.59
CA ILE B 491 27.34 18.35 -22.59
C ILE B 491 28.26 17.18 -22.29
N LEU B 492 29.43 17.19 -22.93
CA LEU B 492 30.47 16.20 -22.65
C LEU B 492 31.12 16.50 -21.31
N GLY B 493 31.85 15.50 -20.80
CA GLY B 493 32.63 15.72 -19.60
C GLY B 493 33.60 16.89 -19.73
N ASP B 494 34.32 16.96 -20.85
CA ASP B 494 35.28 18.05 -21.00
C ASP B 494 34.61 19.41 -21.19
N GLU B 495 33.37 19.43 -21.66
CA GLU B 495 32.64 20.70 -21.74
C GLU B 495 32.09 21.17 -20.41
N ASP B 496 32.14 20.33 -19.37
CA ASP B 496 31.50 20.65 -18.10
C ASP B 496 32.13 21.89 -17.47
N HIS B 497 33.45 22.06 -17.61
CA HIS B 497 34.14 23.19 -17.00
C HIS B 497 34.10 24.44 -17.87
N LEU B 498 33.54 24.38 -19.08
CA LEU B 498 33.59 25.51 -20.00
C LEU B 498 32.30 26.31 -19.98
N GLY B 499 31.31 25.92 -19.20
CA GLY B 499 30.09 26.68 -19.15
C GLY B 499 30.16 27.83 -18.16
N ASP B 500 29.44 28.88 -18.50
CA ASP B 500 29.24 30.01 -17.60
C ASP B 500 27.95 29.83 -16.83
N MET B 501 27.09 28.98 -17.36
CA MET B 501 25.90 28.47 -16.70
C MET B 501 25.85 26.99 -17.06
N ASP B 502 25.71 26.16 -16.05
CA ASP B 502 25.55 24.73 -16.27
C ASP B 502 24.22 24.37 -15.63
N PHE B 503 23.38 23.67 -16.36
CA PHE B 503 22.05 23.44 -15.83
C PHE B 503 21.52 22.10 -16.32
N LYS B 504 20.67 21.52 -15.49
CA LYS B 504 20.12 20.20 -15.70
C LYS B 504 18.62 20.30 -15.51
N VAL B 505 17.86 19.69 -16.43
CA VAL B 505 16.41 19.71 -16.40
C VAL B 505 15.91 18.29 -16.54
N ALA B 506 14.99 17.89 -15.66
CA ALA B 506 14.32 16.61 -15.77
C ALA B 506 12.82 16.86 -15.78
N GLY B 507 12.09 16.04 -16.53
CA GLY B 507 10.65 16.18 -16.58
C GLY B 507 10.03 15.16 -17.49
N SER B 508 8.70 15.16 -17.48
CA SER B 508 7.87 14.32 -18.31
C SER B 508 7.48 15.11 -19.56
N ALA B 509 6.58 14.54 -20.36
CA ALA B 509 5.98 15.32 -21.44
C ALA B 509 5.11 16.45 -20.90
N ASN B 510 4.59 16.32 -19.68
CA ASN B 510 3.71 17.35 -19.11
C ASN B 510 4.48 18.52 -18.53
N GLY B 511 5.72 18.34 -18.11
CA GLY B 511 6.43 19.46 -17.52
C GLY B 511 7.66 19.01 -16.75
N ILE B 512 8.31 20.01 -16.16
CA ILE B 512 9.60 19.87 -15.50
C ILE B 512 9.41 19.25 -14.13
N THR B 513 10.26 18.27 -13.78
CA THR B 513 10.25 17.70 -12.44
C THR B 513 11.44 18.09 -11.59
N ALA B 514 12.54 18.55 -12.21
CA ALA B 514 13.68 19.00 -11.45
C ALA B 514 14.48 19.98 -12.29
N LEU B 515 14.97 21.04 -11.66
CA LEU B 515 15.78 22.05 -12.35
C LEU B 515 16.95 22.44 -11.46
N GLN B 516 18.17 22.28 -11.97
CA GLN B 516 19.37 22.62 -11.24
C GLN B 516 20.20 23.56 -12.10
N MET B 517 20.70 24.64 -11.49
CA MET B 517 21.51 25.64 -12.19
C MET B 517 22.67 26.07 -11.31
N ASP B 518 23.80 26.36 -11.96
CA ASP B 518 24.99 26.92 -11.32
C ASP B 518 25.58 27.92 -12.31
N ILE B 519 25.61 29.20 -11.94
CA ILE B 519 25.98 30.29 -12.83
C ILE B 519 27.22 30.99 -12.32
N LYS B 520 28.21 31.16 -13.21
CA LYS B 520 29.50 31.72 -12.81
C LYS B 520 29.74 33.16 -13.25
N ILE B 521 28.84 33.76 -14.03
CA ILE B 521 29.13 35.05 -14.66
C ILE B 521 27.92 35.96 -14.56
N GLU B 522 28.16 37.20 -14.93
CA GLU B 522 27.18 38.26 -14.96
C GLU B 522 26.46 38.26 -16.31
N GLY B 523 25.24 38.78 -16.33
CA GLY B 523 24.60 39.09 -17.58
C GLY B 523 23.77 38.01 -18.21
N ILE B 524 23.45 36.94 -17.50
CA ILE B 524 22.52 35.94 -18.04
C ILE B 524 21.11 36.44 -17.76
N THR B 525 20.50 37.09 -18.75
CA THR B 525 19.21 37.72 -18.57
C THR B 525 18.10 36.68 -18.56
N GLU B 526 16.89 37.14 -18.25
CA GLU B 526 15.72 36.28 -18.35
C GLU B 526 15.54 35.75 -19.78
N GLU B 527 15.72 36.62 -20.79
CA GLU B 527 15.54 36.16 -22.17
C GLU B 527 16.52 35.06 -22.55
N ILE B 528 17.77 35.16 -22.10
CA ILE B 528 18.73 34.11 -22.40
C ILE B 528 18.33 32.81 -21.71
N MET B 529 17.96 32.90 -20.43
CA MET B 529 17.51 31.71 -19.72
C MET B 529 16.28 31.10 -20.37
N GLU B 530 15.41 31.94 -20.91
CA GLU B 530 14.23 31.45 -21.62
C GLU B 530 14.63 30.68 -22.87
N VAL B 531 15.61 31.20 -23.61
CA VAL B 531 16.12 30.49 -24.78
C VAL B 531 16.77 29.17 -24.36
N ALA B 532 17.55 29.20 -23.27
CA ALA B 532 18.26 28.01 -22.81
C ALA B 532 17.31 26.92 -22.36
N LEU B 533 16.23 27.28 -21.67
CA LEU B 533 15.27 26.27 -21.23
C LEU B 533 14.51 25.68 -22.41
N ASN B 534 14.20 26.49 -23.43
CA ASN B 534 13.47 25.98 -24.59
C ASN B 534 14.31 24.95 -25.34
N GLN B 535 15.61 25.20 -25.50
CA GLN B 535 16.47 24.20 -26.12
C GLN B 535 16.52 22.91 -25.29
N ALA B 536 16.58 23.03 -23.97
CA ALA B 536 16.62 21.81 -23.15
C ALA B 536 15.31 21.05 -23.21
N PHE B 537 14.19 21.75 -23.42
CA PHE B 537 12.91 21.07 -23.55
C PHE B 537 12.91 20.16 -24.78
N ALA B 538 13.40 20.68 -25.91
CA ALA B 538 13.51 19.84 -27.10
C ALA B 538 14.40 18.63 -26.85
N GLY B 539 15.52 18.82 -26.15
CA GLY B 539 16.41 17.70 -25.88
C GLY B 539 15.79 16.64 -24.98
N ARG B 540 15.17 17.08 -23.89
CA ARG B 540 14.52 16.10 -22.99
C ARG B 540 13.40 15.35 -23.70
N MET B 541 12.63 16.04 -24.55
CA MET B 541 11.57 15.36 -25.31
C MET B 541 12.15 14.37 -26.30
N HIS B 542 13.30 14.68 -26.89
CA HIS B 542 13.95 13.75 -27.80
C HIS B 542 14.43 12.49 -27.08
N ILE B 543 15.02 12.64 -25.89
CA ILE B 543 15.46 11.48 -25.11
C ILE B 543 14.26 10.65 -24.69
N LEU B 544 13.21 11.32 -24.23
CA LEU B 544 11.97 10.64 -23.86
C LEU B 544 11.40 9.87 -25.04
N ASN B 545 11.48 10.43 -26.25
CA ASN B 545 10.96 9.76 -27.43
C ASN B 545 11.69 8.44 -27.68
N GLU B 546 13.02 8.43 -27.51
CA GLU B 546 13.76 7.19 -27.68
C GLU B 546 13.39 6.17 -26.61
N MET B 547 13.16 6.62 -25.37
CA MET B 547 12.81 5.73 -24.27
C MET B 547 11.45 5.07 -24.51
N ASN B 548 10.48 5.83 -25.02
CA ASN B 548 9.13 5.28 -25.21
C ASN B 548 9.09 4.23 -26.31
N LYS B 549 10.04 4.26 -27.25
CA LYS B 549 10.08 3.21 -28.27
C LYS B 549 10.32 1.83 -27.66
N VAL B 550 10.92 1.77 -26.47
CA VAL B 550 11.18 0.51 -25.81
C VAL B 550 10.12 0.19 -24.77
N ILE B 551 9.75 1.17 -23.94
CA ILE B 551 8.66 0.96 -22.98
C ILE B 551 8.11 2.32 -22.59
N SER B 552 6.78 2.47 -22.66
CA SER B 552 6.13 3.75 -22.38
C SER B 552 5.18 3.71 -21.20
N ARG B 553 4.85 2.53 -20.69
CA ARG B 553 3.99 2.41 -19.53
C ARG B 553 4.52 1.28 -18.66
N ALA B 554 4.12 1.26 -17.40
CA ALA B 554 4.51 0.18 -16.51
C ALA B 554 3.93 -1.14 -17.00
N ARG B 555 4.69 -2.21 -16.80
CA ARG B 555 4.17 -3.54 -17.04
C ARG B 555 2.90 -3.76 -16.23
N PRO B 556 1.95 -4.54 -16.76
CA PRO B 556 0.67 -4.74 -16.05
C PRO B 556 0.82 -5.45 -14.71
N GLU B 557 1.86 -6.27 -14.55
CA GLU B 557 2.11 -6.94 -13.29
C GLU B 557 3.49 -6.50 -12.79
N ILE B 558 3.67 -6.57 -11.47
CA ILE B 558 5.01 -6.41 -10.90
C ILE B 558 5.77 -7.71 -11.10
N SER B 559 7.07 -7.68 -10.86
CA SER B 559 7.92 -8.85 -11.10
C SER B 559 7.44 -10.07 -10.31
N MET B 560 7.53 -11.23 -10.95
CA MET B 560 7.21 -12.48 -10.26
C MET B 560 8.12 -12.71 -9.06
N HIS B 561 9.30 -12.10 -9.06
CA HIS B 561 10.24 -12.23 -7.94
C HIS B 561 9.99 -11.22 -6.83
N ALA B 562 9.07 -10.26 -7.01
CA ALA B 562 8.80 -9.27 -6.00
C ALA B 562 7.93 -9.87 -4.89
N PRO B 563 8.11 -9.40 -3.65
CA PRO B 563 7.29 -9.91 -2.55
C PRO B 563 5.84 -9.53 -2.73
N THR B 564 4.95 -10.50 -2.56
CA THR B 564 3.53 -10.27 -2.80
C THR B 564 2.91 -9.50 -1.64
N PHE B 565 1.87 -8.76 -1.96
CA PHE B 565 1.10 -7.97 -0.99
C PHE B 565 -0.31 -8.55 -1.00
N GLU B 566 -0.61 -9.43 -0.05
CA GLU B 566 -1.88 -10.15 -0.05
C GLU B 566 -2.65 -9.96 1.26
#